data_3VW1
#
_entry.id   3VW1
#
_cell.length_a   43.594
_cell.length_b   54.741
_cell.length_c   92.711
_cell.angle_alpha   104.450
_cell.angle_beta   97.250
_cell.angle_gamma   89.930
#
_symmetry.space_group_name_H-M   'P 1'
#
loop_
_entity.id
_entity.type
_entity.pdbx_description
1 polymer 'Putative regulatory protein'
2 non-polymer 'SULFATE ION'
3 non-polymer 'CHLORIDE ION'
4 non-polymer 'CRYSTAL VIOLET'
5 water water
#
_entity_poly.entity_id   1
_entity_poly.type   'polypeptide(L)'
_entity_poly.pdbx_seq_one_letter_code
;MVARPKSEDKKQALLEAATQAIAQSGIAASTAVIARNAGVAEGTLFRYFATKDELINTLYLHLKQDLCQSMIMELDRSIT
DAKMMTRFIWNSYISWGLNHPARHRAIRQLAVSEKLTKETEQRADDMFPELRDLCHRSVLMVFMSDEYRAFGDGLFLALA
ETTMDFAARDPARAGEYIALGFEAMWRALTREEQ
;
_entity_poly.pdbx_strand_id   A,B,C,D
#
loop_
_chem_comp.id
_chem_comp.type
_chem_comp.name
_chem_comp.formula
CL non-polymer 'CHLORIDE ION' 'Cl -1'
CVI non-polymer 'CRYSTAL VIOLET' 'C25 H30 N3 1'
SO4 non-polymer 'SULFATE ION' 'O4 S -2'
#
# COMPACT_ATOMS: atom_id res chain seq x y z
N ASP A 9 -36.00 19.18 -27.80
CA ASP A 9 -34.60 18.77 -27.37
C ASP A 9 -34.20 19.29 -25.98
N LYS A 10 -34.88 20.34 -25.51
CA LYS A 10 -34.51 20.97 -24.25
C LYS A 10 -34.98 20.13 -23.06
N LYS A 11 -36.13 19.49 -23.21
CA LYS A 11 -36.68 18.60 -22.21
C LYS A 11 -35.68 17.49 -21.83
N GLN A 12 -35.09 16.83 -22.83
CA GLN A 12 -34.07 15.81 -22.66
C GLN A 12 -32.81 16.37 -22.00
N ALA A 13 -32.40 17.56 -22.39
CA ALA A 13 -31.22 18.17 -21.80
C ALA A 13 -31.49 18.45 -20.29
N LEU A 14 -32.76 18.73 -19.97
CA LEU A 14 -33.16 18.98 -18.59
C LEU A 14 -33.10 17.70 -17.74
N LEU A 15 -33.56 16.60 -18.34
CA LEU A 15 -33.53 15.30 -17.66
C LEU A 15 -32.13 14.88 -17.39
N GLU A 16 -31.31 14.98 -18.39
CA GLU A 16 -29.91 14.62 -18.30
C GLU A 16 -29.20 15.42 -17.25
N ALA A 17 -29.38 16.75 -17.31
CA ALA A 17 -28.80 17.61 -16.28
C ALA A 17 -29.32 17.27 -14.82
N ALA A 18 -30.61 17.00 -14.70
CA ALA A 18 -31.22 16.70 -13.40
C ALA A 18 -30.65 15.34 -12.92
N THR A 19 -30.49 14.40 -13.86
CA THR A 19 -29.92 13.12 -13.53
C THR A 19 -28.57 13.36 -12.88
N GLN A 20 -27.74 14.18 -13.53
CA GLN A 20 -26.43 14.43 -13.01
C GLN A 20 -26.43 15.16 -11.64
N ALA A 21 -27.23 16.24 -11.50
CA ALA A 21 -27.20 16.97 -10.24
C ALA A 21 -27.84 16.22 -9.08
N ILE A 22 -28.94 15.50 -9.36
CA ILE A 22 -29.55 14.72 -8.31
C ILE A 22 -28.61 13.56 -7.86
N ALA A 23 -27.80 13.05 -8.75
CA ALA A 23 -26.92 11.91 -8.39
C ALA A 23 -25.89 12.39 -7.38
N GLN A 24 -25.42 13.63 -7.55
CA GLN A 24 -24.47 14.16 -6.64
C GLN A 24 -25.03 14.80 -5.39
N SER A 25 -26.23 15.33 -5.47
CA SER A 25 -26.77 16.11 -4.29
C SER A 25 -28.14 15.62 -3.82
N GLY A 26 -28.66 14.53 -4.43
CA GLY A 26 -30.03 14.01 -4.08
C GLY A 26 -31.07 15.05 -4.50
N ILE A 27 -32.30 14.94 -3.99
CA ILE A 27 -33.40 15.77 -4.44
C ILE A 27 -33.29 17.22 -4.00
N ALA A 28 -32.43 17.54 -3.06
CA ALA A 28 -32.22 18.91 -2.68
C ALA A 28 -31.39 19.68 -3.78
N ALA A 29 -30.93 18.97 -4.81
CA ALA A 29 -30.23 19.60 -5.92
C ALA A 29 -31.04 20.82 -6.37
N SER A 30 -30.34 21.89 -6.69
CA SER A 30 -30.99 23.12 -7.10
C SER A 30 -31.53 23.10 -8.53
N THR A 31 -32.73 23.61 -8.71
CA THR A 31 -33.29 23.80 -10.01
C THR A 31 -32.55 24.83 -10.85
N ALA A 32 -31.90 25.78 -10.20
CA ALA A 32 -31.24 26.85 -10.98
C ALA A 32 -29.97 26.19 -11.62
N VAL A 33 -29.33 25.32 -10.84
CA VAL A 33 -28.17 24.59 -11.26
C VAL A 33 -28.45 23.63 -12.40
N ILE A 34 -29.51 22.87 -12.25
CA ILE A 34 -29.95 21.96 -13.30
C ILE A 34 -30.24 22.73 -14.62
N ALA A 35 -30.95 23.85 -14.49
CA ALA A 35 -31.32 24.61 -15.74
C ALA A 35 -30.06 25.02 -16.52
N ARG A 36 -29.10 25.66 -15.83
CA ARG A 36 -27.96 26.16 -16.57
C ARG A 36 -27.08 25.04 -17.06
N ASN A 37 -27.00 23.92 -16.28
CA ASN A 37 -26.13 22.81 -16.69
C ASN A 37 -26.74 22.23 -17.95
N ALA A 38 -28.06 22.40 -18.12
CA ALA A 38 -28.74 21.98 -19.34
C ALA A 38 -28.63 23.04 -20.45
N GLY A 39 -28.04 24.19 -20.15
CA GLY A 39 -27.93 25.27 -21.12
C GLY A 39 -29.22 26.07 -21.29
N VAL A 40 -30.16 25.99 -20.34
CA VAL A 40 -31.39 26.75 -20.42
C VAL A 40 -31.63 27.64 -19.19
N ALA A 41 -32.54 28.59 -19.34
CA ALA A 41 -32.91 29.44 -18.19
C ALA A 41 -33.73 28.61 -17.14
N GLU A 42 -33.57 28.91 -15.89
CA GLU A 42 -34.48 28.29 -14.85
C GLU A 42 -35.98 28.52 -15.12
N GLY A 43 -36.33 29.71 -15.61
CA GLY A 43 -37.69 29.94 -15.94
C GLY A 43 -38.20 29.05 -17.04
N THR A 44 -37.32 28.71 -17.98
CA THR A 44 -37.68 27.69 -18.98
C THR A 44 -37.81 26.26 -18.39
N LEU A 45 -36.96 25.89 -17.46
CA LEU A 45 -37.09 24.54 -16.81
C LEU A 45 -38.56 24.43 -16.22
N PHE A 46 -38.98 25.49 -15.51
CA PHE A 46 -40.33 25.55 -14.92
C PHE A 46 -41.45 25.68 -15.96
N ARG A 47 -41.11 25.97 -17.23
CA ARG A 47 -42.21 25.91 -18.26
C ARG A 47 -42.39 24.45 -18.69
N TYR A 48 -41.32 23.65 -18.57
CA TYR A 48 -41.37 22.22 -18.90
C TYR A 48 -41.90 21.47 -17.71
N PHE A 49 -41.54 21.95 -16.51
CA PHE A 49 -41.93 21.23 -15.28
C PHE A 49 -42.45 22.28 -14.27
N ALA A 50 -43.75 22.37 -14.14
CA ALA A 50 -44.37 23.47 -13.35
C ALA A 50 -43.85 23.46 -11.92
N THR A 51 -43.55 22.28 -11.39
CA THR A 51 -42.97 22.15 -10.05
C THR A 51 -41.75 21.22 -10.07
N LYS A 52 -40.92 21.33 -9.05
CA LYS A 52 -39.79 20.52 -8.87
C LYS A 52 -40.22 19.04 -8.67
N ASP A 53 -41.35 18.84 -8.00
CA ASP A 53 -41.93 17.52 -7.76
C ASP A 53 -42.34 16.88 -9.07
N GLU A 54 -42.86 17.68 -10.00
CA GLU A 54 -43.17 17.16 -11.32
C GLU A 54 -41.87 16.73 -12.07
N LEU A 55 -40.79 17.51 -11.91
CA LEU A 55 -39.53 17.12 -12.48
C LEU A 55 -39.05 15.75 -11.91
N ILE A 56 -39.13 15.64 -10.59
CA ILE A 56 -38.76 14.45 -9.84
C ILE A 56 -39.50 13.24 -10.40
N ASN A 57 -40.81 13.37 -10.59
CA ASN A 57 -41.64 12.28 -11.14
C ASN A 57 -41.30 11.87 -12.57
N THR A 58 -41.21 12.84 -13.45
CA THR A 58 -40.86 12.55 -14.84
C THR A 58 -39.43 11.92 -14.94
N LEU A 59 -38.49 12.46 -14.21
CA LEU A 59 -37.16 11.90 -14.22
C LEU A 59 -37.12 10.46 -13.74
N TYR A 60 -37.85 10.18 -12.68
CA TYR A 60 -37.93 8.79 -12.16
C TYR A 60 -38.42 7.84 -13.23
N LEU A 61 -39.50 8.21 -13.89
CA LEU A 61 -40.12 7.37 -14.97
C LEU A 61 -39.18 7.20 -16.14
N HIS A 62 -38.48 8.26 -16.51
CA HIS A 62 -37.45 8.23 -17.53
C HIS A 62 -36.28 7.25 -17.17
N LEU A 63 -35.71 7.37 -15.96
CA LEU A 63 -34.62 6.51 -15.55
C LEU A 63 -35.09 5.04 -15.40
N LYS A 64 -36.32 4.87 -14.95
CA LYS A 64 -36.92 3.61 -14.72
C LYS A 64 -37.08 2.81 -16.03
N GLN A 65 -37.63 3.46 -17.05
CA GLN A 65 -37.89 2.87 -18.36
C GLN A 65 -36.57 2.46 -18.98
N ASP A 66 -35.57 3.32 -18.87
CA ASP A 66 -34.23 3.01 -19.35
C ASP A 66 -33.63 1.77 -18.66
N LEU A 67 -33.75 1.73 -17.32
CA LEU A 67 -33.25 0.58 -16.54
C LEU A 67 -34.00 -0.74 -16.94
N CYS A 68 -35.32 -0.66 -16.98
CA CYS A 68 -36.10 -1.85 -17.31
C CYS A 68 -35.83 -2.33 -18.81
N GLN A 69 -35.70 -1.40 -19.72
CA GLN A 69 -35.43 -1.72 -21.11
C GLN A 69 -34.10 -2.48 -21.19
N SER A 70 -33.10 -1.98 -20.45
CA SER A 70 -31.82 -2.65 -20.41
C SER A 70 -31.90 -4.02 -19.79
N MET A 71 -32.64 -4.17 -18.69
CA MET A 71 -32.80 -5.54 -18.11
C MET A 71 -33.58 -6.50 -18.99
N ILE A 72 -34.57 -5.98 -19.67
CA ILE A 72 -35.43 -6.88 -20.50
C ILE A 72 -34.59 -7.44 -21.69
N MET A 73 -33.74 -6.59 -22.25
CA MET A 73 -32.83 -6.98 -23.29
C MET A 73 -31.81 -8.07 -22.91
N GLU A 74 -31.60 -8.30 -21.63
CA GLU A 74 -30.66 -9.34 -21.18
C GLU A 74 -31.40 -10.51 -20.53
N LEU A 75 -32.71 -10.43 -20.50
CA LEU A 75 -33.50 -11.44 -19.84
C LEU A 75 -33.47 -12.75 -20.65
N ASP A 76 -32.92 -13.82 -20.08
CA ASP A 76 -32.84 -15.15 -20.72
C ASP A 76 -34.06 -15.93 -20.25
N ARG A 77 -34.99 -16.13 -21.18
CA ARG A 77 -36.19 -16.88 -20.85
C ARG A 77 -35.97 -18.40 -20.69
N SER A 78 -34.81 -18.90 -21.13
CA SER A 78 -34.53 -20.32 -20.95
C SER A 78 -34.39 -20.61 -19.44
N ILE A 79 -33.76 -19.70 -18.69
CA ILE A 79 -33.51 -19.95 -17.27
C ILE A 79 -34.84 -20.25 -16.59
N THR A 80 -34.95 -21.37 -15.87
CA THR A 80 -36.21 -21.72 -15.28
C THR A 80 -36.13 -21.95 -13.72
N ASP A 81 -34.92 -21.91 -13.16
CA ASP A 81 -34.77 -22.00 -11.71
C ASP A 81 -34.92 -20.56 -11.19
N ALA A 82 -35.80 -20.37 -10.18
CA ALA A 82 -36.14 -19.03 -9.70
C ALA A 82 -34.88 -18.25 -9.20
N LYS A 83 -34.01 -18.94 -8.45
CA LYS A 83 -32.90 -18.29 -7.84
C LYS A 83 -31.90 -17.88 -8.91
N MET A 84 -31.67 -18.79 -9.86
CA MET A 84 -30.81 -18.47 -11.02
C MET A 84 -31.33 -17.33 -11.85
N MET A 85 -32.64 -17.31 -12.09
CA MET A 85 -33.27 -16.26 -12.85
C MET A 85 -33.07 -14.94 -12.11
N THR A 86 -33.34 -14.91 -10.81
CA THR A 86 -33.17 -13.65 -10.01
C THR A 86 -31.68 -13.24 -10.01
N ARG A 87 -30.80 -14.22 -10.02
CA ARG A 87 -29.38 -13.96 -10.08
C ARG A 87 -29.00 -13.24 -11.35
N PHE A 88 -29.54 -13.71 -12.47
CA PHE A 88 -29.26 -13.02 -13.79
C PHE A 88 -29.93 -11.65 -13.94
N ILE A 89 -31.08 -11.48 -13.28
CA ILE A 89 -31.72 -10.15 -13.18
C ILE A 89 -30.78 -9.20 -12.40
N TRP A 90 -30.29 -9.66 -11.24
CA TRP A 90 -29.39 -8.86 -10.40
C TRP A 90 -28.13 -8.43 -11.12
N ASN A 91 -27.49 -9.35 -11.83
CA ASN A 91 -26.33 -9.07 -12.61
C ASN A 91 -26.57 -7.96 -13.57
N SER A 92 -27.74 -8.01 -14.21
CA SER A 92 -28.17 -7.05 -15.21
C SER A 92 -28.45 -5.71 -14.54
N TYR A 93 -29.04 -5.76 -13.34
CA TYR A 93 -29.24 -4.49 -12.59
C TYR A 93 -27.88 -3.86 -12.29
N ILE A 94 -26.96 -4.67 -11.78
CA ILE A 94 -25.61 -4.19 -11.39
C ILE A 94 -24.83 -3.65 -12.60
N SER A 95 -24.97 -4.34 -13.71
CA SER A 95 -24.26 -4.00 -14.94
C SER A 95 -24.77 -2.63 -15.48
N TRP A 96 -26.04 -2.41 -15.42
CA TRP A 96 -26.62 -1.11 -15.83
C TRP A 96 -26.06 0.01 -14.94
N GLY A 97 -25.99 -0.24 -13.62
CA GLY A 97 -25.51 0.78 -12.69
C GLY A 97 -24.03 1.03 -12.90
N LEU A 98 -23.31 -0.02 -13.30
CA LEU A 98 -21.85 0.09 -13.50
C LEU A 98 -21.56 0.88 -14.77
N ASN A 99 -22.42 0.72 -15.75
CA ASN A 99 -22.33 1.44 -17.06
C ASN A 99 -22.88 2.83 -16.92
N HIS A 100 -23.77 3.04 -15.92
CA HIS A 100 -24.37 4.41 -15.77
C HIS A 100 -24.44 4.76 -14.26
N PRO A 101 -23.29 5.12 -13.66
CA PRO A 101 -23.22 5.39 -12.23
C PRO A 101 -24.14 6.52 -11.75
N ALA A 102 -24.20 7.63 -12.49
CA ALA A 102 -25.07 8.73 -12.14
C ALA A 102 -26.56 8.32 -12.26
N ARG A 103 -26.94 7.66 -13.33
CA ARG A 103 -28.37 7.28 -13.45
C ARG A 103 -28.81 6.42 -12.29
N HIS A 104 -27.94 5.51 -11.85
CA HIS A 104 -28.31 4.72 -10.68
C HIS A 104 -28.31 5.51 -9.36
N ARG A 105 -27.35 6.37 -9.18
CA ARG A 105 -27.37 7.19 -7.93
C ARG A 105 -28.64 7.99 -7.88
N ALA A 106 -28.99 8.57 -9.01
CA ALA A 106 -30.23 9.36 -9.10
C ALA A 106 -31.48 8.54 -8.89
N ILE A 107 -31.54 7.37 -9.57
CA ILE A 107 -32.78 6.57 -9.43
C ILE A 107 -32.98 6.10 -7.98
N ARG A 108 -31.89 5.76 -7.30
CA ARG A 108 -31.98 5.33 -5.91
C ARG A 108 -32.54 6.47 -5.02
N GLN A 109 -31.96 7.68 -5.17
CA GLN A 109 -32.51 8.82 -4.38
C GLN A 109 -33.94 9.19 -4.74
N LEU A 110 -34.29 9.07 -6.00
CA LEU A 110 -35.66 9.35 -6.43
C LEU A 110 -36.62 8.27 -5.86
N ALA A 111 -36.25 7.00 -6.06
CA ALA A 111 -37.02 5.88 -5.59
C ALA A 111 -37.41 5.94 -4.13
N VAL A 112 -36.54 6.42 -3.28
CA VAL A 112 -36.87 6.48 -1.86
C VAL A 112 -37.26 7.88 -1.38
N SER A 113 -37.75 8.75 -2.27
CA SER A 113 -38.00 10.18 -1.89
C SER A 113 -39.35 10.60 -1.36
N GLU A 114 -40.33 9.74 -1.35
CA GLU A 114 -41.69 10.17 -0.86
C GLU A 114 -42.30 11.32 -1.67
N LYS A 115 -41.75 11.58 -2.84
CA LYS A 115 -42.33 12.61 -3.72
C LYS A 115 -42.90 11.98 -4.98
N LEU A 116 -42.75 10.68 -5.11
CA LEU A 116 -43.36 9.95 -6.21
C LEU A 116 -44.90 9.85 -5.99
N THR A 117 -45.69 10.25 -6.99
CA THR A 117 -47.13 10.12 -6.90
C THR A 117 -47.60 8.63 -7.09
N LYS A 118 -48.87 8.35 -6.77
CA LYS A 118 -49.46 7.00 -6.90
C LYS A 118 -49.51 6.59 -8.35
N GLU A 119 -49.80 7.54 -9.24
CA GLU A 119 -49.80 7.28 -10.68
C GLU A 119 -48.41 6.92 -11.18
N THR A 120 -47.39 7.57 -10.62
CA THR A 120 -46.02 7.25 -10.97
C THR A 120 -45.66 5.86 -10.50
N GLU A 121 -45.91 5.56 -9.25
CA GLU A 121 -45.64 4.21 -8.69
C GLU A 121 -46.40 3.13 -9.44
N GLN A 122 -47.67 3.39 -9.72
CA GLN A 122 -48.49 2.47 -10.45
C GLN A 122 -47.96 2.25 -11.84
N ARG A 123 -47.66 3.36 -12.51
CA ARG A 123 -47.18 3.32 -13.87
C ARG A 123 -45.82 2.65 -13.94
N ALA A 124 -45.07 2.67 -12.82
CA ALA A 124 -43.72 2.10 -12.73
C ALA A 124 -43.68 0.57 -12.79
N ASP A 125 -44.61 -0.07 -12.10
CA ASP A 125 -44.76 -1.52 -12.09
C ASP A 125 -45.03 -2.16 -13.47
N ASP A 126 -45.62 -1.42 -14.41
CA ASP A 126 -46.06 -1.96 -15.70
C ASP A 126 -45.09 -1.75 -16.84
N MET A 127 -43.79 -1.96 -16.58
CA MET A 127 -42.82 -1.89 -17.68
C MET A 127 -42.11 -3.26 -17.85
N PHE A 128 -42.38 -4.13 -16.89
CA PHE A 128 -41.73 -5.41 -16.84
C PHE A 128 -42.64 -6.17 -15.86
N PRO A 129 -43.94 -6.32 -16.21
CA PRO A 129 -44.94 -6.95 -15.33
C PRO A 129 -44.55 -8.34 -14.75
N GLU A 130 -43.83 -9.15 -15.51
CA GLU A 130 -43.49 -10.46 -15.02
C GLU A 130 -42.39 -10.37 -13.96
N LEU A 131 -41.36 -9.54 -14.17
CA LEU A 131 -40.38 -9.30 -13.09
C LEU A 131 -41.14 -8.98 -11.76
N ARG A 132 -42.18 -8.13 -11.88
CA ARG A 132 -43.08 -7.86 -10.76
C ARG A 132 -43.75 -9.14 -10.20
N ASP A 133 -44.31 -9.99 -11.07
CA ASP A 133 -44.92 -11.25 -10.63
C ASP A 133 -43.92 -12.09 -9.86
N LEU A 134 -42.75 -12.30 -10.47
CA LEU A 134 -41.63 -12.99 -9.87
C LEU A 134 -41.36 -12.58 -8.39
N CYS A 135 -41.43 -11.29 -8.08
CA CYS A 135 -41.30 -10.83 -6.71
C CYS A 135 -42.35 -11.45 -5.77
N HIS A 136 -43.63 -11.37 -6.13
CA HIS A 136 -44.75 -11.86 -5.27
C HIS A 136 -44.64 -13.38 -5.03
N ARG A 137 -43.68 -14.01 -5.67
CA ARG A 137 -43.47 -15.42 -5.43
C ARG A 137 -42.23 -15.79 -4.65
N SER A 138 -41.39 -14.78 -4.38
CA SER A 138 -40.09 -15.03 -3.75
C SER A 138 -39.83 -14.19 -2.53
N VAL A 139 -40.27 -12.93 -2.60
CA VAL A 139 -39.96 -11.90 -1.63
C VAL A 139 -40.71 -12.20 -0.31
N LEU A 140 -40.11 -11.80 0.81
CA LEU A 140 -40.75 -11.83 2.11
C LEU A 140 -42.02 -11.04 2.18
N MET A 141 -43.04 -11.70 2.77
CA MET A 141 -44.39 -11.18 2.86
C MET A 141 -44.41 -9.76 3.34
N VAL A 142 -43.63 -9.49 4.38
CA VAL A 142 -43.65 -8.18 4.98
C VAL A 142 -43.17 -7.11 3.96
N PHE A 143 -42.33 -7.52 3.01
CA PHE A 143 -41.72 -6.58 2.09
C PHE A 143 -42.58 -6.36 0.86
N MET A 144 -43.80 -6.90 0.91
CA MET A 144 -44.74 -6.74 -0.19
C MET A 144 -45.91 -5.93 0.26
N SER A 145 -45.91 -5.55 1.53
CA SER A 145 -47.01 -4.89 2.14
C SER A 145 -47.02 -3.37 1.87
N ASP A 146 -48.15 -2.74 2.15
CA ASP A 146 -48.29 -1.31 1.90
C ASP A 146 -47.36 -0.55 2.84
N GLU A 147 -47.22 -1.06 4.06
CA GLU A 147 -46.42 -0.35 5.03
C GLU A 147 -44.89 -0.46 4.74
N TYR A 148 -44.40 -1.59 4.25
CA TYR A 148 -42.94 -1.88 4.21
C TYR A 148 -42.32 -2.22 2.84
N ARG A 149 -43.09 -2.11 1.75
CA ARG A 149 -42.56 -2.38 0.42
C ARG A 149 -41.47 -1.37 0.07
N ALA A 150 -41.77 -0.12 0.32
CA ALA A 150 -40.83 0.97 0.09
C ALA A 150 -39.50 0.70 0.85
N PHE A 151 -39.62 0.29 2.11
CA PHE A 151 -38.40 -0.02 2.90
C PHE A 151 -37.66 -1.19 2.26
N GLY A 152 -38.40 -2.18 1.81
CA GLY A 152 -37.78 -3.36 1.13
C GLY A 152 -37.07 -2.95 -0.18
N ASP A 153 -37.63 -1.98 -0.91
CA ASP A 153 -36.96 -1.43 -2.09
C ASP A 153 -35.68 -0.71 -1.68
N GLY A 154 -35.80 0.09 -0.59
CA GLY A 154 -34.60 0.82 -0.06
C GLY A 154 -33.49 -0.14 0.37
N LEU A 155 -33.86 -1.25 1.00
CA LEU A 155 -32.85 -2.24 1.41
C LEU A 155 -32.19 -2.91 0.19
N PHE A 156 -32.99 -3.29 -0.79
CA PHE A 156 -32.45 -3.83 -2.04
C PHE A 156 -31.49 -2.87 -2.73
N LEU A 157 -31.85 -1.60 -2.84
CA LEU A 157 -31.01 -0.58 -3.50
C LEU A 157 -29.73 -0.34 -2.69
N ALA A 158 -29.80 -0.39 -1.36
CA ALA A 158 -28.57 -0.15 -0.61
C ALA A 158 -27.59 -1.30 -0.88
N LEU A 159 -28.11 -2.53 -0.91
CA LEU A 159 -27.27 -3.70 -1.21
C LEU A 159 -26.65 -3.60 -2.64
N ALA A 160 -27.47 -3.25 -3.61
CA ALA A 160 -27.05 -3.08 -4.98
C ALA A 160 -26.00 -1.99 -5.17
N GLU A 161 -26.27 -0.81 -4.68
CA GLU A 161 -25.28 0.28 -4.78
C GLU A 161 -23.94 -0.01 -4.10
N THR A 162 -24.00 -0.65 -2.96
CA THR A 162 -22.76 -1.06 -2.30
C THR A 162 -22.01 -2.11 -3.17
N THR A 163 -22.76 -3.03 -3.76
CA THR A 163 -22.13 -4.07 -4.67
C THR A 163 -21.49 -3.31 -5.86
N MET A 164 -22.23 -2.36 -6.46
CA MET A 164 -21.72 -1.55 -7.57
C MET A 164 -20.45 -0.79 -7.19
N ASP A 165 -20.49 -0.16 -6.00
CA ASP A 165 -19.38 0.62 -5.54
C ASP A 165 -18.08 -0.21 -5.31
N PHE A 166 -18.21 -1.42 -4.75
CA PHE A 166 -17.01 -2.22 -4.50
C PHE A 166 -16.46 -2.80 -5.84
N ALA A 167 -17.38 -3.14 -6.74
CA ALA A 167 -16.98 -3.61 -8.04
C ALA A 167 -16.28 -2.55 -8.91
N ALA A 168 -16.79 -1.30 -8.84
CA ALA A 168 -16.16 -0.20 -9.52
C ALA A 168 -14.81 0.17 -8.96
N ARG A 169 -14.65 0.14 -7.66
CA ARG A 169 -13.40 0.60 -7.02
C ARG A 169 -12.33 -0.49 -7.00
N ASP A 170 -12.73 -1.75 -7.04
CA ASP A 170 -11.73 -2.86 -7.05
C ASP A 170 -12.19 -3.88 -8.10
N PRO A 171 -12.08 -3.53 -9.40
CA PRO A 171 -12.60 -4.33 -10.50
C PRO A 171 -11.99 -5.73 -10.62
N ALA A 172 -10.80 -5.93 -10.06
CA ALA A 172 -10.18 -7.26 -10.14
C ALA A 172 -11.14 -8.34 -9.54
N ARG A 173 -12.03 -7.94 -8.64
CA ARG A 173 -12.93 -8.88 -7.98
C ARG A 173 -14.37 -8.51 -8.21
N ALA A 174 -14.66 -7.82 -9.32
CA ALA A 174 -16.03 -7.37 -9.59
C ALA A 174 -16.97 -8.51 -9.47
N GLY A 175 -16.68 -9.60 -10.20
CA GLY A 175 -17.62 -10.70 -10.28
C GLY A 175 -17.80 -11.41 -8.92
N GLU A 176 -16.80 -11.33 -8.08
CA GLU A 176 -16.92 -11.82 -6.74
C GLU A 176 -17.81 -10.95 -5.85
N TYR A 177 -17.63 -9.66 -5.87
CA TYR A 177 -18.56 -8.72 -5.12
C TYR A 177 -20.00 -8.89 -5.58
N ILE A 178 -20.20 -8.98 -6.89
CA ILE A 178 -21.55 -9.05 -7.44
C ILE A 178 -22.23 -10.35 -7.03
N ALA A 179 -21.51 -11.49 -7.07
CA ALA A 179 -22.10 -12.74 -6.64
C ALA A 179 -22.36 -12.74 -5.12
N LEU A 180 -21.39 -12.25 -4.36
CA LEU A 180 -21.58 -12.20 -2.87
C LEU A 180 -22.72 -11.26 -2.54
N GLY A 181 -22.83 -10.16 -3.25
CA GLY A 181 -23.94 -9.22 -3.02
C GLY A 181 -25.29 -9.86 -3.29
N PHE A 182 -25.36 -10.65 -4.37
CA PHE A 182 -26.61 -11.27 -4.74
C PHE A 182 -27.08 -12.23 -3.64
N GLU A 183 -26.16 -13.07 -3.20
CA GLU A 183 -26.44 -14.05 -2.17
C GLU A 183 -26.86 -13.36 -0.91
N ALA A 184 -26.18 -12.27 -0.55
CA ALA A 184 -26.60 -11.50 0.66
C ALA A 184 -27.99 -10.94 0.50
N MET A 185 -28.29 -10.39 -0.66
CA MET A 185 -29.61 -9.87 -0.96
C MET A 185 -30.68 -10.93 -0.94
N TRP A 186 -30.37 -12.04 -1.55
CA TRP A 186 -31.35 -13.18 -1.60
C TRP A 186 -31.73 -13.62 -0.20
N ARG A 187 -30.75 -13.80 0.69
CA ARG A 187 -31.05 -14.20 2.09
C ARG A 187 -31.83 -13.08 2.83
N ALA A 188 -31.51 -11.82 2.51
CA ALA A 188 -32.18 -10.67 3.20
C ALA A 188 -33.65 -10.49 2.82
N LEU A 189 -33.96 -10.66 1.54
CA LEU A 189 -35.28 -10.30 1.13
C LEU A 189 -36.28 -11.41 0.80
N THR A 190 -35.79 -12.64 0.61
CA THR A 190 -36.67 -13.68 0.06
C THR A 190 -37.15 -14.68 1.14
N ARG A 191 -38.27 -15.33 0.87
CA ARG A 191 -38.84 -16.29 1.79
C ARG A 191 -37.99 -17.57 1.89
N GLU A 192 -38.16 -18.30 2.99
CA GLU A 192 -37.54 -19.64 3.14
C GLU A 192 -38.06 -20.55 2.03
N ASP B 9 -4.80 22.18 22.18
CA ASP B 9 -6.20 21.82 22.66
C ASP B 9 -7.32 22.30 21.69
N LYS B 10 -7.03 23.39 20.96
CA LYS B 10 -7.97 23.98 19.97
C LYS B 10 -8.25 23.02 18.79
N LYS B 11 -7.54 21.89 18.81
CA LYS B 11 -7.53 20.87 17.78
C LYS B 11 -8.86 20.08 17.72
N GLN B 12 -9.60 20.14 18.82
CA GLN B 12 -10.90 19.52 18.88
C GLN B 12 -11.91 20.26 18.02
N ALA B 13 -11.61 21.51 17.71
CA ALA B 13 -12.50 22.32 16.89
C ALA B 13 -12.24 22.00 15.42
N LEU B 14 -11.00 21.61 15.11
CA LEU B 14 -10.62 21.25 13.73
C LEU B 14 -11.21 19.90 13.39
N LEU B 15 -11.55 19.13 14.41
CA LEU B 15 -12.08 17.80 14.22
C LEU B 15 -13.59 17.89 14.07
N GLU B 16 -14.20 18.83 14.80
CA GLU B 16 -15.62 19.11 14.72
C GLU B 16 -16.00 19.71 13.35
N ALA B 17 -15.16 20.64 12.86
CA ALA B 17 -15.37 21.25 11.52
C ALA B 17 -15.09 20.24 10.42
N ALA B 18 -14.05 19.43 10.61
CA ALA B 18 -13.75 18.37 9.64
C ALA B 18 -14.90 17.33 9.51
N THR B 19 -15.50 16.93 10.63
CA THR B 19 -16.70 16.04 10.62
C THR B 19 -17.83 16.59 9.75
N GLN B 20 -18.24 17.82 10.02
CA GLN B 20 -19.29 18.49 9.26
C GLN B 20 -18.98 18.60 7.75
N ALA B 21 -17.97 19.42 7.45
CA ALA B 21 -17.44 19.64 6.11
C ALA B 21 -17.27 18.36 5.32
N ILE B 22 -16.68 17.33 5.96
CA ILE B 22 -16.59 15.99 5.37
C ILE B 22 -17.98 15.41 5.16
N ALA B 23 -18.83 15.52 6.18
CA ALA B 23 -20.24 15.07 6.10
C ALA B 23 -21.05 15.91 5.08
N GLN B 24 -20.41 16.92 4.52
CA GLN B 24 -21.17 17.78 3.63
C GLN B 24 -20.63 17.77 2.23
N SER B 25 -19.37 17.33 2.06
CA SER B 25 -18.73 17.42 0.75
C SER B 25 -17.74 16.32 0.45
N GLY B 26 -17.89 15.15 1.09
CA GLY B 26 -16.90 14.06 1.01
C GLY B 26 -15.52 14.45 1.56
N ILE B 27 -14.56 13.51 1.46
CA ILE B 27 -13.18 13.77 1.91
C ILE B 27 -12.46 15.00 1.31
N ALA B 28 -13.16 15.77 0.47
CA ALA B 28 -12.64 17.01 -0.05
C ALA B 28 -12.54 17.94 1.13
N ALA B 29 -11.35 18.49 1.35
CA ALA B 29 -11.13 19.30 2.54
C ALA B 29 -10.93 20.77 2.22
N SER B 30 -12.05 21.51 2.13
CA SER B 30 -11.96 23.00 2.08
C SER B 30 -11.39 23.49 3.40
N THR B 31 -10.08 23.24 3.55
CA THR B 31 -9.33 23.57 4.76
C THR B 31 -9.52 25.05 5.13
N ALA B 32 -9.79 25.88 4.13
CA ALA B 32 -10.19 27.25 4.37
C ALA B 32 -11.45 27.29 5.24
N VAL B 33 -12.49 26.63 4.75
CA VAL B 33 -13.75 26.51 5.48
C VAL B 33 -13.52 25.84 6.83
N ILE B 34 -12.81 24.71 6.80
CA ILE B 34 -12.45 24.02 8.03
C ILE B 34 -11.98 25.02 9.08
N ALA B 35 -10.82 25.62 8.81
CA ALA B 35 -10.17 26.59 9.69
C ALA B 35 -11.12 27.72 10.13
N ARG B 36 -11.87 28.30 9.19
CA ARG B 36 -12.79 29.41 9.49
C ARG B 36 -13.90 29.04 10.51
N ASN B 37 -14.74 28.06 10.17
CA ASN B 37 -15.75 27.58 11.11
C ASN B 37 -15.08 27.06 12.39
N ALA B 38 -13.84 26.57 12.28
CA ALA B 38 -13.07 26.13 13.44
C ALA B 38 -12.41 27.28 14.22
N GLY B 39 -12.61 28.53 13.76
CA GLY B 39 -11.92 29.71 14.32
C GLY B 39 -10.55 29.98 13.70
N VAL B 40 -9.61 29.04 13.88
CA VAL B 40 -8.20 29.17 13.42
C VAL B 40 -8.01 29.55 11.93
N ALA B 41 -6.79 30.00 11.58
CA ALA B 41 -6.43 30.37 10.21
C ALA B 41 -6.02 29.14 9.40
N GLU B 42 -5.62 29.34 8.15
CA GLU B 42 -5.36 28.23 7.24
C GLU B 42 -4.22 27.34 7.75
N GLY B 43 -2.99 27.71 7.44
CA GLY B 43 -1.79 26.92 7.82
C GLY B 43 -1.69 26.50 9.28
N THR B 44 -2.30 27.35 10.09
CA THR B 44 -2.75 27.10 11.42
C THR B 44 -3.16 25.67 11.58
N LEU B 45 -3.14 24.90 10.50
CA LEU B 45 -3.79 23.60 10.54
C LEU B 45 -2.88 22.40 10.43
N PHE B 46 -2.12 22.28 9.37
CA PHE B 46 -1.26 21.13 9.39
C PHE B 46 -0.43 21.32 10.63
N ARG B 47 -0.73 22.41 11.32
CA ARG B 47 -0.04 22.74 12.56
C ARG B 47 -0.51 21.85 13.68
N TYR B 48 -1.79 21.46 13.62
CA TYR B 48 -2.35 20.49 14.55
C TYR B 48 -2.36 19.16 13.89
N PHE B 49 -2.56 19.15 12.60
CA PHE B 49 -2.48 17.90 11.86
C PHE B 49 -1.38 17.96 10.82
N ALA B 50 -0.75 16.83 10.58
CA ALA B 50 0.32 16.75 9.62
C ALA B 50 -0.22 16.64 8.23
N THR B 51 -0.28 15.42 7.71
CA THR B 51 -0.81 15.16 6.37
C THR B 51 -2.37 15.02 6.36
N LYS B 52 -3.00 15.26 5.19
CA LYS B 52 -4.46 15.12 5.05
C LYS B 52 -4.87 13.68 5.31
N ASP B 53 -3.99 12.76 4.92
CA ASP B 53 -4.15 11.33 5.25
C ASP B 53 -4.25 11.05 6.74
N GLU B 54 -3.32 11.62 7.50
CA GLU B 54 -3.28 11.39 8.93
C GLU B 54 -4.52 12.00 9.60
N LEU B 55 -4.94 13.17 9.12
CA LEU B 55 -6.20 13.80 9.58
C LEU B 55 -7.39 12.82 9.41
N ILE B 56 -7.49 12.19 8.24
CA ILE B 56 -8.52 11.18 7.95
C ILE B 56 -8.47 10.06 9.00
N ASN B 57 -7.31 9.42 9.13
CA ASN B 57 -7.13 8.32 10.05
C ASN B 57 -7.46 8.76 11.50
N THR B 58 -6.97 9.95 11.87
CA THR B 58 -7.22 10.59 13.17
C THR B 58 -8.73 10.80 13.41
N LEU B 59 -9.39 11.54 12.52
CA LEU B 59 -10.86 11.78 12.58
C LEU B 59 -11.60 10.48 12.66
N TYR B 60 -11.27 9.57 11.74
CA TYR B 60 -11.87 8.25 11.71
C TYR B 60 -11.79 7.52 13.04
N LEU B 61 -10.60 7.59 13.64
CA LEU B 61 -10.37 6.91 14.90
C LEU B 61 -11.12 7.70 15.98
N HIS B 62 -11.25 9.00 15.75
CA HIS B 62 -12.01 9.85 16.64
C HIS B 62 -13.53 9.53 16.61
N LEU B 63 -14.09 9.36 15.39
CA LEU B 63 -15.54 9.09 15.24
C LEU B 63 -15.89 7.71 15.73
N LYS B 64 -14.99 6.75 15.48
CA LYS B 64 -15.22 5.36 15.91
C LYS B 64 -15.23 5.29 17.42
N GLN B 65 -14.34 6.09 18.04
CA GLN B 65 -14.30 6.22 19.51
C GLN B 65 -15.63 6.75 20.04
N ASP B 66 -16.11 7.84 19.48
CA ASP B 66 -17.38 8.36 19.89
C ASP B 66 -18.47 7.28 19.76
N LEU B 67 -18.49 6.57 18.61
CA LEU B 67 -19.52 5.52 18.36
C LEU B 67 -19.43 4.39 19.41
N CYS B 68 -18.24 3.78 19.60
CA CYS B 68 -18.08 2.78 20.68
C CYS B 68 -18.44 3.31 22.10
N GLN B 69 -18.05 4.55 22.40
CA GLN B 69 -18.32 5.07 23.74
C GLN B 69 -19.79 5.25 23.95
N SER B 70 -20.54 5.43 22.86
CA SER B 70 -21.98 5.60 22.97
C SER B 70 -22.72 4.28 23.16
N MET B 71 -22.04 3.18 22.85
CA MET B 71 -22.65 1.86 22.87
C MET B 71 -22.37 1.24 24.17
N ILE B 72 -21.07 1.18 24.51
CA ILE B 72 -20.57 0.64 25.80
C ILE B 72 -21.57 1.01 26.90
N MET B 73 -22.30 2.12 26.67
CA MET B 73 -23.42 2.55 27.56
C MET B 73 -24.60 1.54 27.56
N GLU B 74 -25.07 1.23 26.36
CA GLU B 74 -26.19 0.31 26.21
C GLU B 74 -25.85 -1.17 26.50
N LEU B 75 -24.56 -1.48 26.66
CA LEU B 75 -24.11 -2.86 26.82
C LEU B 75 -24.65 -3.44 28.09
N ASP B 76 -24.76 -4.76 28.10
CA ASP B 76 -25.32 -5.51 29.23
C ASP B 76 -24.26 -6.52 29.76
N ARG B 77 -24.73 -7.53 30.50
CA ARG B 77 -23.89 -8.60 31.06
C ARG B 77 -24.51 -10.00 31.01
N SER B 78 -25.77 -10.07 31.38
CA SER B 78 -26.52 -11.34 31.43
C SER B 78 -26.78 -11.96 30.06
N ILE B 79 -27.01 -11.06 29.06
CA ILE B 79 -27.39 -11.48 27.69
C ILE B 79 -26.33 -12.39 27.15
N THR B 80 -26.77 -13.58 26.74
CA THR B 80 -25.86 -14.58 26.23
C THR B 80 -25.95 -14.75 24.70
N ASP B 81 -27.18 -14.73 24.17
CA ASP B 81 -27.50 -15.15 22.79
C ASP B 81 -26.78 -14.26 21.76
N ALA B 82 -26.01 -14.89 20.87
CA ALA B 82 -25.21 -14.19 19.83
C ALA B 82 -26.08 -13.21 18.97
N LYS B 83 -27.26 -13.67 18.55
CA LYS B 83 -28.22 -12.84 17.87
C LYS B 83 -28.74 -11.67 18.70
N MET B 84 -29.01 -11.89 20.00
CA MET B 84 -29.48 -10.82 20.89
C MET B 84 -28.41 -9.76 21.13
N MET B 85 -27.14 -10.17 21.20
CA MET B 85 -26.07 -9.22 21.40
C MET B 85 -25.87 -8.38 20.10
N THR B 86 -25.98 -9.01 18.92
CA THR B 86 -25.80 -8.29 17.66
C THR B 86 -26.97 -7.27 17.53
N ARG B 87 -28.16 -7.67 17.96
CA ARG B 87 -29.29 -6.80 17.95
C ARG B 87 -29.02 -5.54 18.69
N PHE B 88 -28.42 -5.66 19.90
CA PHE B 88 -28.07 -4.43 20.73
C PHE B 88 -27.00 -3.59 20.05
N ILE B 89 -26.09 -4.28 19.39
CA ILE B 89 -24.99 -3.60 18.69
C ILE B 89 -25.59 -2.80 17.56
N TRP B 90 -26.55 -3.41 16.87
CA TRP B 90 -27.27 -2.73 15.73
C TRP B 90 -28.10 -1.54 16.26
N ASN B 91 -28.92 -1.78 17.30
CA ASN B 91 -29.73 -0.67 17.95
C ASN B 91 -28.89 0.49 18.30
N SER B 92 -27.73 0.22 18.88
CA SER B 92 -26.80 1.34 19.24
C SER B 92 -26.29 2.06 18.03
N TYR B 93 -25.96 1.31 16.95
CA TYR B 93 -25.40 1.96 15.75
C TYR B 93 -26.45 2.90 15.19
N ILE B 94 -27.69 2.41 15.08
CA ILE B 94 -28.81 3.28 14.58
C ILE B 94 -29.01 4.54 15.49
N SER B 95 -29.06 4.35 16.80
CA SER B 95 -29.23 5.48 17.74
C SER B 95 -28.15 6.53 17.59
N TRP B 96 -26.91 6.11 17.55
CA TRP B 96 -25.80 7.02 17.40
C TRP B 96 -25.99 7.74 16.07
N GLY B 97 -26.35 6.98 15.03
CA GLY B 97 -26.47 7.58 13.72
C GLY B 97 -27.60 8.56 13.61
N LEU B 98 -28.75 8.23 14.21
CA LEU B 98 -29.88 9.17 14.22
C LEU B 98 -29.60 10.42 15.05
N ASN B 99 -28.93 10.25 16.21
CA ASN B 99 -28.56 11.41 17.06
C ASN B 99 -27.41 12.21 16.47
N HIS B 100 -26.56 11.58 15.65
CA HIS B 100 -25.41 12.28 15.09
C HIS B 100 -25.23 12.02 13.57
N PRO B 101 -26.11 12.63 12.78
CA PRO B 101 -26.14 12.42 11.31
C PRO B 101 -24.84 12.81 10.61
N ALA B 102 -24.30 13.97 10.93
CA ALA B 102 -23.00 14.38 10.41
C ALA B 102 -21.92 13.36 10.66
N ARG B 103 -21.78 12.90 11.91
CA ARG B 103 -20.73 11.96 12.24
C ARG B 103 -20.84 10.65 11.48
N HIS B 104 -22.08 10.19 11.30
CA HIS B 104 -22.28 8.91 10.70
C HIS B 104 -21.91 8.96 9.19
N ARG B 105 -22.18 10.06 8.54
CA ARG B 105 -21.93 10.19 7.13
C ARG B 105 -20.43 10.47 6.92
N ALA B 106 -19.80 11.10 7.92
CA ALA B 106 -18.36 11.32 7.93
C ALA B 106 -17.67 10.02 7.96
N ILE B 107 -18.11 9.15 8.86
CA ILE B 107 -17.41 7.89 9.10
C ILE B 107 -17.56 6.91 7.91
N ARG B 108 -18.70 6.98 7.19
CA ARG B 108 -18.92 6.06 6.06
C ARG B 108 -18.06 6.54 4.94
N GLN B 109 -18.02 7.86 4.74
CA GLN B 109 -17.11 8.47 3.81
C GLN B 109 -15.61 8.09 4.08
N LEU B 110 -15.19 8.08 5.35
CA LEU B 110 -13.79 7.82 5.68
C LEU B 110 -13.47 6.36 5.42
N ALA B 111 -14.47 5.51 5.61
CA ALA B 111 -14.23 4.09 5.41
C ALA B 111 -14.18 3.71 3.91
N VAL B 112 -14.63 4.56 2.99
CA VAL B 112 -14.50 4.27 1.57
C VAL B 112 -13.45 5.11 0.88
N SER B 113 -12.37 5.41 1.58
CA SER B 113 -11.29 6.21 1.00
C SER B 113 -10.10 5.30 0.82
N GLU B 114 -10.13 4.17 1.55
CA GLU B 114 -9.03 3.18 1.55
C GLU B 114 -7.73 3.86 1.94
N LYS B 115 -7.82 4.89 2.80
CA LYS B 115 -6.65 5.68 3.21
C LYS B 115 -6.35 5.38 4.67
N LEU B 116 -7.24 4.60 5.27
CA LEU B 116 -7.04 4.07 6.61
C LEU B 116 -5.85 3.09 6.64
N THR B 117 -4.99 3.23 7.65
CA THR B 117 -3.85 2.36 7.79
C THR B 117 -4.32 1.09 8.47
N LYS B 118 -3.51 0.03 8.40
CA LYS B 118 -3.85 -1.20 9.07
C LYS B 118 -3.63 -1.00 10.57
N GLU B 119 -2.79 -0.02 10.90
CA GLU B 119 -2.66 0.44 12.28
C GLU B 119 -4.00 1.05 12.76
N THR B 120 -4.64 1.88 11.91
CA THR B 120 -5.94 2.49 12.25
C THR B 120 -7.02 1.44 12.39
N GLU B 121 -7.07 0.54 11.42
CA GLU B 121 -8.02 -0.59 11.44
C GLU B 121 -7.79 -1.43 12.68
N GLN B 122 -6.50 -1.62 13.03
CA GLN B 122 -6.15 -2.30 14.26
C GLN B 122 -6.57 -1.49 15.48
N ARG B 123 -6.31 -0.17 15.48
CA ARG B 123 -6.60 0.68 16.66
C ARG B 123 -8.10 0.77 16.90
N ALA B 124 -8.88 0.78 15.79
CA ALA B 124 -10.34 0.69 15.82
C ALA B 124 -10.81 -0.65 16.42
N ASP B 125 -10.40 -1.77 15.81
CA ASP B 125 -10.84 -3.09 16.29
C ASP B 125 -10.41 -3.41 17.73
N ASP B 126 -9.43 -2.67 18.25
CA ASP B 126 -8.96 -2.86 19.61
C ASP B 126 -9.90 -2.18 20.59
N MET B 127 -10.58 -1.13 20.11
CA MET B 127 -11.52 -0.35 20.89
C MET B 127 -12.73 -1.13 21.44
N PHE B 128 -13.11 -2.20 20.77
CA PHE B 128 -14.25 -2.98 21.24
C PHE B 128 -13.92 -4.43 20.99
N PRO B 129 -13.24 -5.06 21.96
CA PRO B 129 -12.82 -6.48 21.87
C PRO B 129 -13.97 -7.50 21.85
N GLU B 130 -15.06 -7.24 22.53
CA GLU B 130 -16.21 -8.13 22.48
C GLU B 130 -16.87 -8.16 21.08
N LEU B 131 -16.93 -6.99 20.42
CA LEU B 131 -17.49 -6.90 19.06
C LEU B 131 -16.69 -7.77 18.09
N ARG B 132 -15.38 -7.60 18.09
CA ARG B 132 -14.49 -8.39 17.27
C ARG B 132 -14.82 -9.85 17.43
N ASP B 133 -14.88 -10.28 18.68
CA ASP B 133 -15.14 -11.65 19.04
C ASP B 133 -16.53 -12.12 18.65
N LEU B 134 -17.49 -11.20 18.68
CA LEU B 134 -18.86 -11.55 18.32
C LEU B 134 -18.97 -11.85 16.79
N CYS B 135 -18.23 -11.08 16.01
CA CYS B 135 -18.19 -11.23 14.55
C CYS B 135 -17.52 -12.55 14.15
N HIS B 136 -16.35 -12.77 14.76
CA HIS B 136 -15.64 -14.05 14.66
C HIS B 136 -16.45 -15.23 15.15
N ARG B 137 -17.60 -15.00 15.70
CA ARG B 137 -18.40 -16.12 16.13
C ARG B 137 -19.70 -16.26 15.32
N SER B 138 -20.17 -15.15 14.73
CA SER B 138 -21.50 -15.15 14.05
C SER B 138 -21.50 -14.87 12.54
N VAL B 139 -20.55 -14.08 12.07
CA VAL B 139 -20.50 -13.67 10.67
C VAL B 139 -20.04 -14.81 9.70
N LEU B 140 -20.61 -14.86 8.50
CA LEU B 140 -20.16 -15.78 7.48
C LEU B 140 -18.66 -15.60 7.29
N MET B 141 -17.89 -16.67 7.36
CA MET B 141 -16.42 -16.57 7.27
C MET B 141 -15.93 -15.80 6.03
N VAL B 142 -16.66 -15.90 4.92
CA VAL B 142 -16.27 -15.20 3.74
C VAL B 142 -16.12 -13.72 4.03
N PHE B 143 -17.01 -13.20 4.89
CA PHE B 143 -17.03 -11.78 5.20
C PHE B 143 -16.02 -11.40 6.28
N MET B 144 -15.27 -12.38 6.76
CA MET B 144 -14.27 -12.08 7.71
C MET B 144 -12.87 -12.15 7.05
N SER B 145 -12.82 -12.66 5.82
CA SER B 145 -11.54 -12.82 5.12
C SER B 145 -11.04 -11.41 4.84
N ASP B 146 -9.74 -11.31 4.66
CA ASP B 146 -9.12 -10.04 4.27
C ASP B 146 -9.72 -9.46 3.03
N GLU B 147 -10.10 -10.31 2.08
CA GLU B 147 -10.55 -9.83 0.79
C GLU B 147 -11.91 -9.18 0.84
N TYR B 148 -12.78 -9.71 1.70
CA TYR B 148 -14.18 -9.32 1.70
C TYR B 148 -14.67 -8.72 2.98
N ARG B 149 -13.74 -8.42 3.90
CA ARG B 149 -14.12 -7.81 5.16
C ARG B 149 -14.79 -6.46 4.95
N ALA B 150 -14.14 -5.58 4.21
CA ALA B 150 -14.62 -4.24 3.99
C ALA B 150 -16.03 -4.30 3.26
N PHE B 151 -16.19 -5.22 2.33
CA PHE B 151 -17.48 -5.40 1.63
C PHE B 151 -18.60 -5.76 2.66
N GLY B 152 -18.33 -6.74 3.54
CA GLY B 152 -19.28 -7.12 4.50
C GLY B 152 -19.61 -6.00 5.48
N ASP B 153 -18.62 -5.22 5.88
CA ASP B 153 -18.90 -4.01 6.68
C ASP B 153 -19.70 -2.97 5.84
N GLY B 154 -19.31 -2.80 4.56
CA GLY B 154 -20.08 -1.87 3.67
C GLY B 154 -21.56 -2.28 3.58
N LEU B 155 -21.85 -3.59 3.48
CA LEU B 155 -23.27 -4.05 3.40
C LEU B 155 -24.01 -3.75 4.72
N PHE B 156 -23.35 -4.05 5.84
CA PHE B 156 -23.98 -3.78 7.12
C PHE B 156 -24.37 -2.31 7.21
N LEU B 157 -23.41 -1.43 6.98
CA LEU B 157 -23.57 0.07 6.99
C LEU B 157 -24.58 0.62 5.99
N ALA B 158 -24.68 0.00 4.84
CA ALA B 158 -25.68 0.42 3.85
C ALA B 158 -27.05 0.09 4.36
N LEU B 159 -27.19 -1.12 4.90
CA LEU B 159 -28.48 -1.54 5.52
C LEU B 159 -28.85 -0.67 6.74
N ALA B 160 -27.85 -0.35 7.57
CA ALA B 160 -28.05 0.51 8.77
C ALA B 160 -28.43 1.92 8.38
N GLU B 161 -27.80 2.46 7.35
CA GLU B 161 -28.06 3.85 6.90
C GLU B 161 -29.44 3.93 6.29
N THR B 162 -29.83 2.93 5.55
CA THR B 162 -31.17 2.95 4.99
C THR B 162 -32.22 2.82 6.12
N THR B 163 -31.96 1.98 7.09
CA THR B 163 -32.83 1.81 8.23
C THR B 163 -33.01 3.14 8.97
N MET B 164 -31.92 3.85 9.15
CA MET B 164 -31.89 5.17 9.74
C MET B 164 -32.71 6.18 8.92
N ASP B 165 -32.61 6.16 7.60
CA ASP B 165 -33.34 7.13 6.77
C ASP B 165 -34.86 6.96 6.99
N PHE B 166 -35.31 5.72 7.03
CA PHE B 166 -36.74 5.43 7.07
C PHE B 166 -37.25 5.71 8.51
N ALA B 167 -36.41 5.44 9.51
CA ALA B 167 -36.70 5.74 10.91
C ALA B 167 -36.86 7.21 11.17
N ALA B 168 -35.90 8.01 10.71
CA ALA B 168 -35.93 9.44 10.94
C ALA B 168 -37.18 10.07 10.31
N ARG B 169 -37.50 9.67 9.09
CA ARG B 169 -38.61 10.24 8.35
C ARG B 169 -39.95 9.79 8.88
N ASP B 170 -40.06 8.55 9.36
CA ASP B 170 -41.30 8.04 9.95
C ASP B 170 -41.19 7.49 11.40
N PRO B 171 -41.11 8.38 12.38
CA PRO B 171 -40.82 8.02 13.75
C PRO B 171 -41.80 7.05 14.39
N ALA B 172 -43.01 7.02 13.85
CA ALA B 172 -44.05 6.12 14.34
C ALA B 172 -43.73 4.66 14.14
N ARG B 173 -43.05 4.37 13.04
CA ARG B 173 -42.75 2.98 12.69
C ARG B 173 -41.26 2.67 12.79
N ALA B 174 -40.51 3.59 13.39
CA ALA B 174 -39.06 3.51 13.45
C ALA B 174 -38.59 2.20 14.05
N GLY B 175 -39.23 1.79 15.14
CA GLY B 175 -38.92 0.58 15.81
C GLY B 175 -39.18 -0.63 14.95
N GLU B 176 -40.15 -0.53 14.06
CA GLU B 176 -40.38 -1.61 13.15
C GLU B 176 -39.28 -1.68 12.05
N TYR B 177 -38.91 -0.52 11.53
CA TYR B 177 -37.84 -0.43 10.46
C TYR B 177 -36.53 -1.02 11.05
N ILE B 178 -36.24 -0.60 12.27
CA ILE B 178 -35.01 -1.06 12.95
C ILE B 178 -35.02 -2.58 13.07
N ALA B 179 -36.16 -3.12 13.47
CA ALA B 179 -36.34 -4.55 13.61
C ALA B 179 -36.32 -5.30 12.28
N LEU B 180 -36.94 -4.75 11.29
CA LEU B 180 -36.95 -5.38 9.95
C LEU B 180 -35.51 -5.29 9.37
N GLY B 181 -34.84 -4.18 9.59
CA GLY B 181 -33.56 -3.97 9.04
C GLY B 181 -32.55 -4.90 9.70
N PHE B 182 -32.68 -5.09 11.02
CA PHE B 182 -31.77 -6.02 11.72
C PHE B 182 -31.82 -7.41 11.16
N GLU B 183 -33.04 -7.93 10.99
CA GLU B 183 -33.31 -9.25 10.57
C GLU B 183 -32.81 -9.44 9.11
N ALA B 184 -33.00 -8.42 8.26
CA ALA B 184 -32.48 -8.54 6.90
C ALA B 184 -30.94 -8.57 6.97
N MET B 185 -30.36 -7.72 7.78
CA MET B 185 -28.93 -7.70 7.97
C MET B 185 -28.41 -9.01 8.48
N TRP B 186 -29.09 -9.57 9.47
CA TRP B 186 -28.64 -10.81 10.10
C TRP B 186 -28.68 -11.97 9.07
N ARG B 187 -29.72 -12.05 8.25
CA ARG B 187 -29.75 -13.15 7.26
C ARG B 187 -28.67 -12.92 6.22
N ALA B 188 -28.48 -11.67 5.85
CA ALA B 188 -27.49 -11.32 4.81
C ALA B 188 -26.04 -11.69 5.21
N LEU B 189 -25.69 -11.48 6.46
CA LEU B 189 -24.29 -11.58 6.82
C LEU B 189 -23.83 -12.69 7.79
N THR B 190 -24.74 -13.40 8.47
CA THR B 190 -24.31 -14.32 9.54
C THR B 190 -24.48 -15.79 9.22
N ARG B 191 -23.88 -16.64 10.04
CA ARG B 191 -23.88 -18.08 9.79
C ARG B 191 -25.30 -18.59 9.56
N GLU B 192 -25.46 -19.34 8.48
CA GLU B 192 -26.72 -19.88 8.04
C GLU B 192 -27.41 -20.66 9.15
N ASP C 9 40.81 -29.90 -14.87
CA ASP C 9 41.31 -30.61 -13.66
C ASP C 9 40.29 -30.67 -12.52
N LYS C 10 40.61 -31.42 -11.47
CA LYS C 10 39.72 -31.64 -10.31
C LYS C 10 39.54 -30.35 -9.51
N LYS C 11 40.59 -29.53 -9.57
CA LYS C 11 40.69 -28.25 -8.92
C LYS C 11 39.67 -27.30 -9.55
N GLN C 12 39.85 -27.01 -10.84
CA GLN C 12 38.85 -26.22 -11.63
C GLN C 12 37.39 -26.58 -11.30
N ALA C 13 37.16 -27.82 -10.90
CA ALA C 13 35.83 -28.17 -10.47
C ALA C 13 35.50 -27.59 -9.12
N LEU C 14 36.50 -27.53 -8.21
CA LEU C 14 36.30 -27.04 -6.81
C LEU C 14 36.09 -25.54 -6.80
N LEU C 15 36.83 -24.87 -7.65
CA LEU C 15 36.78 -23.40 -7.78
C LEU C 15 35.36 -22.92 -8.14
N GLU C 16 34.84 -23.45 -9.24
CA GLU C 16 33.47 -23.17 -9.65
C GLU C 16 32.55 -23.40 -8.52
N ALA C 17 32.76 -24.49 -7.76
CA ALA C 17 31.85 -24.86 -6.68
C ALA C 17 31.87 -23.89 -5.52
N ALA C 18 33.08 -23.43 -5.21
CA ALA C 18 33.30 -22.49 -4.14
C ALA C 18 32.65 -21.15 -4.55
N THR C 19 32.74 -20.87 -5.84
CA THR C 19 32.19 -19.63 -6.39
C THR C 19 30.80 -19.52 -5.90
N GLN C 20 30.01 -20.56 -6.20
CA GLN C 20 28.57 -20.56 -5.86
C GLN C 20 28.39 -20.40 -4.40
N ALA C 21 29.01 -21.27 -3.61
CA ALA C 21 28.86 -21.20 -2.14
C ALA C 21 29.22 -19.87 -1.52
N ILE C 22 30.36 -19.33 -1.94
CA ILE C 22 30.81 -18.07 -1.42
C ILE C 22 29.87 -16.96 -1.84
N ALA C 23 29.28 -17.09 -3.02
CA ALA C 23 28.41 -16.04 -3.54
C ALA C 23 27.16 -16.08 -2.71
N GLN C 24 26.81 -17.31 -2.31
CA GLN C 24 25.62 -17.57 -1.52
C GLN C 24 25.80 -17.13 -0.08
N SER C 25 26.89 -17.56 0.56
CA SER C 25 26.98 -17.44 2.02
C SER C 25 28.24 -16.78 2.46
N GLY C 26 28.75 -15.83 1.66
CA GLY C 26 30.01 -15.18 2.01
C GLY C 26 31.15 -16.17 2.18
N ILE C 27 32.28 -15.70 2.72
CA ILE C 27 33.48 -16.54 2.76
C ILE C 27 33.42 -17.50 3.95
N ALA C 28 32.50 -17.18 4.87
CA ALA C 28 32.28 -18.00 6.05
C ALA C 28 31.55 -19.25 5.62
N ALA C 29 31.21 -19.36 4.33
CA ALA C 29 30.68 -20.58 3.73
C ALA C 29 31.51 -21.78 4.17
N SER C 30 30.82 -22.80 4.66
CA SER C 30 31.49 -24.02 5.10
C SER C 30 32.28 -24.72 3.97
N THR C 31 33.50 -25.13 4.29
CA THR C 31 34.29 -25.87 3.32
C THR C 31 33.68 -27.27 3.05
N ALA C 32 32.73 -27.65 3.91
CA ALA C 32 32.06 -28.93 3.80
C ALA C 32 30.98 -28.77 2.74
N VAL C 33 30.22 -27.68 2.87
CA VAL C 33 29.14 -27.36 1.92
C VAL C 33 29.70 -27.34 0.53
N ILE C 34 30.88 -26.71 0.40
CA ILE C 34 31.64 -26.65 -0.86
C ILE C 34 32.01 -28.04 -1.36
N ALA C 35 32.47 -28.87 -0.44
CA ALA C 35 32.90 -30.22 -0.76
C ALA C 35 31.69 -31.05 -1.23
N ARG C 36 30.64 -30.98 -0.42
CA ARG C 36 29.43 -31.73 -0.70
C ARG C 36 28.70 -31.27 -1.95
N ASN C 37 29.03 -30.08 -2.46
CA ASN C 37 28.44 -29.57 -3.73
C ASN C 37 29.31 -29.81 -4.95
N ALA C 38 30.61 -29.88 -4.71
CA ALA C 38 31.59 -30.01 -5.78
C ALA C 38 31.57 -31.42 -6.37
N GLY C 39 30.93 -32.35 -5.64
CA GLY C 39 31.03 -33.79 -5.98
C GLY C 39 32.21 -34.60 -5.34
N VAL C 40 33.03 -33.98 -4.48
CA VAL C 40 34.16 -34.73 -3.89
C VAL C 40 34.16 -34.67 -2.34
N ALA C 41 35.09 -35.43 -1.74
CA ALA C 41 35.24 -35.50 -0.29
C ALA C 41 35.90 -34.24 0.24
N GLU C 42 35.45 -33.78 1.40
CA GLU C 42 36.03 -32.61 2.06
C GLU C 42 37.53 -32.73 2.32
N GLY C 43 38.04 -33.97 2.37
CA GLY C 43 39.46 -34.19 2.59
C GLY C 43 40.30 -33.98 1.35
N THR C 44 39.72 -34.30 0.18
CA THR C 44 40.28 -33.94 -1.13
C THR C 44 40.44 -32.43 -1.28
N LEU C 45 39.40 -31.72 -0.85
CA LEU C 45 39.41 -30.23 -0.91
C LEU C 45 40.64 -29.71 -0.16
N PHE C 46 40.89 -30.27 1.01
CA PHE C 46 42.10 -29.92 1.77
C PHE C 46 43.39 -30.44 1.18
N ARG C 47 43.32 -31.46 0.30
CA ARG C 47 44.59 -31.84 -0.46
C ARG C 47 44.94 -30.88 -1.60
N TYR C 48 43.92 -30.14 -2.05
CA TYR C 48 44.09 -29.14 -3.11
C TYR C 48 44.43 -27.76 -2.57
N PHE C 49 43.82 -27.43 -1.43
CA PHE C 49 44.08 -26.19 -0.76
C PHE C 49 44.34 -26.52 0.70
N ALA C 50 45.62 -26.56 1.05
CA ALA C 50 46.06 -26.86 2.41
C ALA C 50 45.16 -26.22 3.47
N THR C 51 44.75 -24.96 3.24
CA THR C 51 43.95 -24.18 4.20
C THR C 51 42.75 -23.53 3.50
N LYS C 52 41.80 -23.09 4.28
CA LYS C 52 40.66 -22.30 3.80
C LYS C 52 41.18 -21.02 3.13
N ASP C 53 42.15 -20.37 3.77
CA ASP C 53 42.78 -19.16 3.23
C ASP C 53 43.37 -19.36 1.89
N GLU C 54 43.98 -20.51 1.65
CA GLU C 54 44.56 -20.83 0.36
C GLU C 54 43.46 -20.95 -0.76
N LEU C 55 42.31 -21.52 -0.43
CA LEU C 55 41.26 -21.62 -1.42
C LEU C 55 40.72 -20.18 -1.77
N ILE C 56 40.54 -19.35 -0.75
CA ILE C 56 40.03 -17.98 -0.89
C ILE C 56 40.93 -17.20 -1.81
N ASN C 57 42.23 -17.29 -1.56
CA ASN C 57 43.22 -16.64 -2.34
C ASN C 57 43.31 -17.12 -3.82
N THR C 58 43.29 -18.43 -4.04
CA THR C 58 43.34 -18.96 -5.39
C THR C 58 41.99 -18.67 -6.16
N LEU C 59 40.87 -18.84 -5.50
CA LEU C 59 39.59 -18.52 -6.13
C LEU C 59 39.61 -17.06 -6.59
N TYR C 60 40.18 -16.20 -5.76
CA TYR C 60 40.16 -14.78 -6.01
C TYR C 60 40.91 -14.47 -7.30
N LEU C 61 42.12 -14.99 -7.37
CA LEU C 61 42.92 -14.91 -8.59
C LEU C 61 42.22 -15.44 -9.82
N HIS C 62 41.53 -16.55 -9.65
CA HIS C 62 40.84 -17.20 -10.72
C HIS C 62 39.78 -16.22 -11.32
N LEU C 63 38.84 -15.76 -10.48
CA LEU C 63 37.82 -14.82 -10.78
C LEU C 63 38.33 -13.52 -11.33
N LYS C 64 39.37 -13.00 -10.73
CA LYS C 64 39.97 -11.76 -11.13
C LYS C 64 40.57 -11.83 -12.52
N GLN C 65 41.20 -12.93 -12.86
CA GLN C 65 41.76 -13.18 -14.21
C GLN C 65 40.65 -13.25 -15.22
N ASP C 66 39.53 -13.86 -14.84
CA ASP C 66 38.41 -14.03 -15.77
C ASP C 66 37.75 -12.67 -16.02
N LEU C 67 37.55 -11.91 -14.93
CA LEU C 67 37.05 -10.56 -15.02
C LEU C 67 37.94 -9.71 -15.91
N CYS C 68 39.23 -9.76 -15.69
CA CYS C 68 40.13 -8.91 -16.44
C CYS C 68 40.29 -9.27 -17.96
N GLN C 69 40.19 -10.55 -18.31
CA GLN C 69 40.27 -10.96 -19.68
C GLN C 69 39.08 -10.42 -20.43
N SER C 70 37.94 -10.45 -19.76
CA SER C 70 36.75 -9.93 -20.37
C SER C 70 36.84 -8.39 -20.59
N MET C 71 37.30 -7.66 -19.58
CA MET C 71 37.53 -6.22 -19.77
C MET C 71 38.57 -5.95 -20.87
N ILE C 72 39.64 -6.74 -20.90
CA ILE C 72 40.67 -6.59 -21.96
C ILE C 72 40.14 -6.80 -23.39
N MET C 73 39.41 -7.88 -23.58
CA MET C 73 38.67 -8.15 -24.79
C MET C 73 37.68 -7.09 -25.22
N GLU C 74 37.35 -6.13 -24.35
CA GLU C 74 36.39 -5.11 -24.79
C GLU C 74 37.00 -3.72 -24.76
N LEU C 75 38.27 -3.62 -24.41
CA LEU C 75 38.97 -2.36 -24.28
C LEU C 75 39.27 -1.74 -25.68
N ASP C 76 38.67 -0.58 -25.93
CA ASP C 76 38.81 0.08 -27.22
C ASP C 76 39.87 1.15 -27.05
N ARG C 77 41.00 0.94 -27.74
CA ARG C 77 42.12 1.88 -27.67
C ARG C 77 41.89 3.18 -28.40
N SER C 78 40.81 3.27 -29.19
CA SER C 78 40.51 4.54 -29.90
C SER C 78 40.12 5.57 -28.86
N ILE C 79 39.20 5.19 -27.96
CA ILE C 79 38.72 6.11 -26.93
C ILE C 79 39.98 6.70 -26.32
N THR C 80 40.04 8.03 -26.23
CA THR C 80 41.20 8.72 -25.79
C THR C 80 40.91 9.69 -24.60
N ASP C 81 39.62 10.05 -24.41
CA ASP C 81 39.22 10.88 -23.28
C ASP C 81 39.27 10.00 -22.00
N ALA C 82 39.98 10.46 -20.98
CA ALA C 82 40.10 9.67 -19.74
C ALA C 82 38.69 9.26 -19.14
N LYS C 83 37.77 10.19 -19.04
CA LYS C 83 36.52 9.87 -18.44
C LYS C 83 35.73 8.83 -19.28
N MET C 84 35.82 8.95 -20.59
CA MET C 84 35.13 8.02 -21.51
C MET C 84 35.68 6.61 -21.48
N MET C 85 36.97 6.51 -21.36
CA MET C 85 37.63 5.23 -21.29
C MET C 85 37.22 4.49 -20.06
N THR C 86 37.16 5.19 -18.95
CA THR C 86 36.77 4.66 -17.67
C THR C 86 35.34 4.28 -17.68
N ARG C 87 34.54 5.03 -18.39
CA ARG C 87 33.17 4.71 -18.52
C ARG C 87 32.97 3.40 -19.28
N PHE C 88 33.77 3.15 -20.27
CA PHE C 88 33.63 1.90 -20.97
C PHE C 88 34.21 0.75 -20.22
N ILE C 89 35.13 1.02 -19.33
CA ILE C 89 35.67 0.01 -18.48
C ILE C 89 34.60 -0.40 -17.51
N TRP C 90 33.92 0.58 -16.95
CA TRP C 90 32.78 0.35 -16.07
C TRP C 90 31.67 -0.44 -16.71
N ASN C 91 31.30 -0.11 -17.96
CA ASN C 91 30.28 -0.87 -18.67
C ASN C 91 30.65 -2.34 -18.79
N SER C 92 31.92 -2.60 -19.04
CA SER C 92 32.40 -3.97 -19.19
C SER C 92 32.35 -4.69 -17.87
N TYR C 93 32.72 -4.03 -16.80
CA TYR C 93 32.62 -4.60 -15.48
C TYR C 93 31.19 -4.99 -15.19
N ILE C 94 30.29 -4.06 -15.42
CA ILE C 94 28.89 -4.26 -15.13
C ILE C 94 28.39 -5.42 -15.98
N SER C 95 28.74 -5.41 -17.28
CA SER C 95 28.26 -6.48 -18.20
C SER C 95 28.77 -7.85 -17.77
N TRP C 96 29.98 -7.90 -17.32
CA TRP C 96 30.51 -9.15 -16.81
C TRP C 96 29.73 -9.68 -15.56
N GLY C 97 29.34 -8.75 -14.68
CA GLY C 97 28.60 -9.08 -13.50
C GLY C 97 27.18 -9.54 -13.85
N LEU C 98 26.59 -8.93 -14.86
CA LEU C 98 25.24 -9.29 -15.31
C LEU C 98 25.29 -10.66 -15.94
N ASN C 99 26.34 -10.94 -16.67
CA ASN C 99 26.49 -12.28 -17.31
C ASN C 99 26.90 -13.35 -16.32
N HIS C 100 27.57 -12.96 -15.22
CA HIS C 100 28.04 -13.92 -14.20
C HIS C 100 27.76 -13.42 -12.79
N PRO C 101 26.50 -13.51 -12.33
CA PRO C 101 26.13 -12.96 -11.02
C PRO C 101 26.86 -13.60 -9.83
N ALA C 102 27.06 -14.92 -9.87
CA ALA C 102 27.79 -15.64 -8.81
C ALA C 102 29.25 -15.22 -8.76
N ARG C 103 29.90 -15.20 -9.91
CA ARG C 103 31.29 -14.79 -9.97
C ARG C 103 31.52 -13.42 -9.40
N HIS C 104 30.64 -12.48 -9.71
CA HIS C 104 30.80 -11.13 -9.08
C HIS C 104 30.49 -11.10 -7.62
N ARG C 105 29.45 -11.84 -7.19
CA ARG C 105 29.15 -11.83 -5.72
C ARG C 105 30.35 -12.36 -4.93
N ALA C 106 30.91 -13.43 -5.43
CA ALA C 106 32.06 -14.06 -4.78
C ALA C 106 33.27 -13.18 -4.83
N ILE C 107 33.53 -12.56 -5.98
CA ILE C 107 34.72 -11.74 -6.07
C ILE C 107 34.63 -10.51 -5.15
N ARG C 108 33.43 -9.96 -5.06
CA ARG C 108 33.22 -8.81 -4.16
C ARG C 108 33.48 -9.21 -2.68
N GLN C 109 32.99 -10.37 -2.30
CA GLN C 109 33.20 -10.83 -0.94
C GLN C 109 34.66 -11.15 -0.70
N LEU C 110 35.33 -11.76 -1.65
CA LEU C 110 36.75 -12.09 -1.45
C LEU C 110 37.63 -10.85 -1.46
N ALA C 111 37.41 -9.95 -2.41
CA ALA C 111 38.22 -8.73 -2.58
C ALA C 111 38.29 -7.91 -1.30
N VAL C 112 37.35 -8.14 -0.37
CA VAL C 112 37.35 -7.41 0.85
C VAL C 112 37.49 -8.33 2.08
N SER C 113 37.94 -9.56 1.87
CA SER C 113 37.96 -10.57 2.97
C SER C 113 39.05 -10.43 3.99
N GLU C 114 40.04 -9.56 3.76
CA GLU C 114 41.22 -9.50 4.67
C GLU C 114 42.13 -10.73 4.57
N LYS C 115 41.70 -11.76 3.89
CA LYS C 115 42.53 -12.95 3.84
C LYS C 115 43.52 -12.88 2.70
N LEU C 116 43.36 -11.92 1.81
CA LEU C 116 44.19 -11.95 0.64
C LEU C 116 45.64 -11.62 1.04
N THR C 117 46.59 -12.46 0.64
CA THR C 117 48.00 -12.22 0.89
C THR C 117 48.57 -11.11 -0.01
N LYS C 118 49.67 -10.50 0.46
CA LYS C 118 50.32 -9.41 -0.25
C LYS C 118 50.66 -9.80 -1.64
N GLU C 119 51.04 -11.07 -1.79
CA GLU C 119 51.43 -11.64 -3.09
C GLU C 119 50.25 -11.82 -4.04
N THR C 120 49.08 -12.15 -3.47
CA THR C 120 47.82 -12.25 -4.22
C THR C 120 47.42 -10.86 -4.75
N GLU C 121 47.53 -9.87 -3.88
CA GLU C 121 47.12 -8.54 -4.21
C GLU C 121 48.02 -8.04 -5.31
N GLN C 122 49.34 -8.18 -5.10
CA GLN C 122 50.30 -7.74 -6.12
C GLN C 122 50.09 -8.40 -7.49
N ARG C 123 49.94 -9.73 -7.52
CA ARG C 123 49.71 -10.43 -8.78
C ARG C 123 48.45 -9.96 -9.55
N ALA C 124 47.39 -9.61 -8.81
CA ALA C 124 46.17 -9.12 -9.46
C ALA C 124 46.33 -7.75 -10.12
N ASP C 125 47.05 -6.84 -9.48
CA ASP C 125 47.33 -5.49 -10.03
C ASP C 125 48.03 -5.48 -11.38
N ASP C 126 48.68 -6.60 -11.73
CA ASP C 126 49.47 -6.73 -12.95
C ASP C 126 48.81 -7.58 -13.99
N MET C 127 47.48 -7.69 -13.95
CA MET C 127 46.78 -8.36 -15.05
C MET C 127 46.29 -7.35 -16.08
N PHE C 128 46.21 -6.09 -15.67
CA PHE C 128 45.73 -5.00 -16.50
C PHE C 128 46.57 -3.78 -16.08
N PRO C 129 47.91 -3.83 -16.32
CA PRO C 129 48.87 -2.87 -15.73
C PRO C 129 48.62 -1.39 -16.12
N GLU C 130 48.07 -1.18 -17.31
CA GLU C 130 47.71 0.17 -17.67
C GLU C 130 46.33 0.60 -17.08
N LEU C 131 45.47 -0.36 -16.71
CA LEU C 131 44.27 -0.01 -15.91
C LEU C 131 44.74 0.56 -14.57
N ARG C 132 45.71 -0.12 -13.97
CA ARG C 132 46.36 0.38 -12.77
C ARG C 132 46.95 1.79 -12.97
N ASP C 133 47.66 2.00 -14.08
CA ASP C 133 48.21 3.31 -14.42
C ASP C 133 47.12 4.36 -14.58
N LEU C 134 46.00 3.97 -15.17
CA LEU C 134 44.85 4.85 -15.31
C LEU C 134 44.30 5.36 -13.95
N CYS C 135 44.26 4.50 -12.93
CA CYS C 135 43.72 4.92 -11.63
C CYS C 135 44.63 5.90 -10.94
N HIS C 136 45.88 5.47 -10.72
CA HIS C 136 46.93 6.26 -10.07
C HIS C 136 47.16 7.58 -10.81
N ARG C 137 46.09 8.26 -11.21
CA ARG C 137 46.21 9.52 -11.93
C ARG C 137 44.89 10.29 -11.90
N SER C 138 43.78 9.56 -11.82
CA SER C 138 42.47 10.21 -11.71
C SER C 138 41.74 9.95 -10.38
N VAL C 139 42.20 8.98 -9.62
CA VAL C 139 41.59 8.59 -8.34
C VAL C 139 42.07 9.46 -7.17
N LEU C 140 41.17 9.90 -6.30
CA LEU C 140 41.57 10.66 -5.13
C LEU C 140 42.75 9.98 -4.43
N MET C 141 43.71 10.79 -4.07
CA MET C 141 44.89 10.37 -3.40
C MET C 141 44.59 9.46 -2.23
N VAL C 142 43.64 9.87 -1.36
CA VAL C 142 43.37 9.01 -0.21
C VAL C 142 43.01 7.55 -0.62
N PHE C 143 42.35 7.36 -1.76
CA PHE C 143 41.95 6.00 -2.13
C PHE C 143 43.07 5.21 -2.81
N MET C 144 44.24 5.82 -2.92
CA MET C 144 45.43 5.05 -3.34
C MET C 144 46.34 4.71 -2.19
N SER C 145 46.06 5.28 -1.01
CA SER C 145 46.91 5.15 0.16
C SER C 145 46.91 3.72 0.74
N ASP C 146 47.98 3.31 1.40
CA ASP C 146 48.01 2.00 1.95
C ASP C 146 46.86 1.74 2.91
N GLU C 147 46.45 2.79 3.58
CA GLU C 147 45.50 2.67 4.64
C GLU C 147 44.05 2.60 4.13
N TYR C 148 43.75 3.24 3.01
CA TYR C 148 42.36 3.39 2.49
C TYR C 148 42.14 2.86 1.05
N ARG C 149 43.15 2.23 0.45
CA ARG C 149 42.96 1.66 -0.84
C ARG C 149 41.81 0.62 -0.86
N ALA C 150 41.85 -0.30 0.10
CA ALA C 150 40.89 -1.31 0.25
C ALA C 150 39.47 -0.73 0.39
N PHE C 151 39.36 0.35 1.14
CA PHE C 151 38.05 1.01 1.33
C PHE C 151 37.56 1.63 0.02
N GLY C 152 38.45 2.27 -0.71
CA GLY C 152 38.08 2.77 -2.06
C GLY C 152 37.60 1.60 -2.95
N ASP C 153 38.28 0.47 -2.92
CA ASP C 153 37.81 -0.70 -3.73
C ASP C 153 36.45 -1.17 -3.25
N GLY C 154 36.23 -1.12 -1.93
CA GLY C 154 34.92 -1.55 -1.36
C GLY C 154 33.80 -0.60 -1.81
N LEU C 155 34.11 0.70 -1.89
CA LEU C 155 33.08 1.68 -2.24
C LEU C 155 32.72 1.50 -3.72
N PHE C 156 33.72 1.30 -4.56
CA PHE C 156 33.52 1.03 -5.99
C PHE C 156 32.67 -0.22 -6.19
N LEU C 157 33.04 -1.31 -5.54
CA LEU C 157 32.28 -2.55 -5.68
C LEU C 157 30.82 -2.42 -5.20
N ALA C 158 30.61 -1.72 -4.08
CA ALA C 158 29.26 -1.52 -3.61
C ALA C 158 28.43 -0.79 -4.66
N LEU C 159 28.99 0.26 -5.25
CA LEU C 159 28.26 1.05 -6.28
C LEU C 159 27.96 0.17 -7.53
N ALA C 160 28.98 -0.55 -7.95
CA ALA C 160 28.88 -1.40 -9.14
C ALA C 160 27.82 -2.46 -8.87
N GLU C 161 27.89 -3.08 -7.69
CA GLU C 161 26.94 -4.15 -7.36
C GLU C 161 25.47 -3.64 -7.30
N THR C 162 25.31 -2.42 -6.84
CA THR C 162 23.97 -1.82 -6.76
C THR C 162 23.45 -1.50 -8.21
N THR C 163 24.36 -1.08 -9.05
CA THR C 163 24.00 -0.78 -10.45
C THR C 163 23.59 -2.10 -11.13
N MET C 164 24.33 -3.16 -10.91
CA MET C 164 23.96 -4.51 -11.40
C MET C 164 22.59 -4.97 -10.91
N ASP C 165 22.31 -4.77 -9.61
CA ASP C 165 21.05 -5.25 -9.06
C ASP C 165 19.85 -4.58 -9.74
N PHE C 166 19.91 -3.28 -9.90
CA PHE C 166 18.79 -2.56 -10.50
C PHE C 166 18.72 -2.86 -11.95
N ALA C 167 19.89 -2.92 -12.61
CA ALA C 167 19.87 -3.25 -14.05
C ALA C 167 19.21 -4.61 -14.29
N ALA C 168 19.55 -5.60 -13.46
CA ALA C 168 19.01 -6.95 -13.63
C ALA C 168 17.53 -7.00 -13.31
N ARG C 169 17.11 -6.31 -12.25
CA ARG C 169 15.75 -6.38 -11.77
C ARG C 169 14.83 -5.51 -12.62
N ASP C 170 15.35 -4.44 -13.20
CA ASP C 170 14.51 -3.48 -14.00
C ASP C 170 15.23 -3.19 -15.31
N PRO C 171 15.40 -4.21 -16.16
CA PRO C 171 16.22 -4.19 -17.36
C PRO C 171 15.77 -3.17 -18.41
N ALA C 172 14.50 -2.81 -18.40
CA ALA C 172 14.01 -1.76 -19.34
C ALA C 172 14.82 -0.46 -19.16
N ARG C 173 15.45 -0.32 -17.99
CA ARG C 173 16.19 0.89 -17.63
C ARG C 173 17.64 0.61 -17.32
N ALA C 174 18.15 -0.54 -17.76
CA ALA C 174 19.50 -0.96 -17.46
C ALA C 174 20.51 0.11 -17.81
N GLY C 175 20.50 0.55 -19.07
CA GLY C 175 21.43 1.55 -19.60
C GLY C 175 21.39 2.84 -18.79
N GLU C 176 20.22 3.20 -18.30
CA GLU C 176 20.07 4.38 -17.43
C GLU C 176 20.76 4.20 -16.02
N TYR C 177 20.51 3.06 -15.36
CA TYR C 177 21.16 2.79 -14.03
C TYR C 177 22.66 2.77 -14.20
N ILE C 178 23.08 2.11 -15.25
CA ILE C 178 24.46 1.94 -15.52
C ILE C 178 25.14 3.26 -15.78
N ALA C 179 24.53 4.13 -16.57
CA ALA C 179 25.08 5.45 -16.80
C ALA C 179 25.06 6.29 -15.49
N LEU C 180 23.97 6.20 -14.73
CA LEU C 180 23.87 6.99 -13.45
C LEU C 180 24.81 6.47 -12.44
N GLY C 181 25.00 5.15 -12.44
CA GLY C 181 25.97 4.61 -11.42
C GLY C 181 27.35 5.00 -11.75
N PHE C 182 27.65 5.06 -13.06
CA PHE C 182 29.01 5.50 -13.47
C PHE C 182 29.31 6.89 -12.98
N GLU C 183 28.43 7.81 -13.24
CA GLU C 183 28.59 9.20 -12.85
C GLU C 183 28.75 9.32 -11.33
N ALA C 184 27.88 8.64 -10.60
CA ALA C 184 28.01 8.66 -9.11
C ALA C 184 29.37 8.10 -8.67
N MET C 185 29.82 7.04 -9.31
CA MET C 185 31.12 6.47 -8.91
C MET C 185 32.22 7.44 -9.29
N TRP C 186 32.07 8.11 -10.42
CA TRP C 186 33.11 9.04 -10.88
C TRP C 186 33.23 10.26 -9.96
N ARG C 187 32.12 10.78 -9.50
CA ARG C 187 32.16 11.88 -8.55
C ARG C 187 32.71 11.43 -7.20
N ALA C 188 32.33 10.20 -6.81
CA ALA C 188 32.74 9.63 -5.52
C ALA C 188 34.25 9.41 -5.37
N LEU C 189 34.85 8.87 -6.41
CA LEU C 189 36.20 8.34 -6.30
C LEU C 189 37.33 9.17 -7.00
N THR C 190 37.01 10.12 -7.88
CA THR C 190 38.04 10.79 -8.69
C THR C 190 38.33 12.24 -8.28
N ARG C 191 39.52 12.73 -8.68
CA ARG C 191 39.99 14.09 -8.36
C ARG C 191 39.26 15.19 -9.17
N GLU C 192 39.51 16.46 -8.81
CA GLU C 192 38.94 17.64 -9.52
C GLU C 192 37.40 17.61 -9.54
N ASP D 9 3.06 -7.23 22.02
CA ASP D 9 3.65 -8.46 22.63
C ASP D 9 3.96 -9.50 21.56
N LYS D 10 2.99 -10.34 21.17
CA LYS D 10 3.22 -11.33 20.11
C LYS D 10 3.54 -10.67 18.76
N LYS D 11 2.89 -9.53 18.49
CA LYS D 11 3.11 -8.70 17.29
C LYS D 11 4.58 -8.27 17.19
N GLN D 12 5.07 -7.77 18.32
CA GLN D 12 6.46 -7.45 18.48
C GLN D 12 7.38 -8.61 18.21
N ALA D 13 7.12 -9.75 18.86
CA ALA D 13 7.95 -10.97 18.60
C ALA D 13 7.98 -11.41 17.08
N LEU D 14 6.85 -11.32 16.38
CA LEU D 14 6.79 -11.64 14.95
C LEU D 14 7.62 -10.63 14.12
N LEU D 15 7.48 -9.35 14.45
CA LEU D 15 8.24 -8.29 13.83
C LEU D 15 9.74 -8.52 13.95
N GLU D 16 10.16 -8.87 15.18
CA GLU D 16 11.56 -9.14 15.51
C GLU D 16 12.05 -10.33 14.78
N ALA D 17 11.21 -11.36 14.77
CA ALA D 17 11.54 -12.61 14.08
C ALA D 17 11.60 -12.41 12.55
N ALA D 18 10.74 -11.58 12.01
CA ALA D 18 10.74 -11.29 10.56
C ALA D 18 12.02 -10.50 10.18
N THR D 19 12.44 -9.64 11.08
CA THR D 19 13.75 -8.91 10.93
C THR D 19 14.91 -9.88 10.80
N GLN D 20 15.13 -10.72 11.81
CA GLN D 20 16.27 -11.67 11.77
C GLN D 20 16.24 -12.54 10.48
N ALA D 21 15.06 -13.03 10.12
CA ALA D 21 14.95 -13.95 8.99
C ALA D 21 15.15 -13.31 7.67
N ILE D 22 14.59 -12.10 7.51
CA ILE D 22 14.72 -11.38 6.27
C ILE D 22 16.14 -10.87 6.12
N ALA D 23 16.75 -10.51 7.27
CA ALA D 23 18.16 -10.08 7.28
C ALA D 23 19.11 -11.15 6.73
N GLN D 24 18.86 -12.41 7.06
CA GLN D 24 19.76 -13.47 6.63
C GLN D 24 19.31 -14.30 5.41
N SER D 25 18.06 -14.09 4.95
CA SER D 25 17.47 -14.87 3.83
C SER D 25 16.80 -14.06 2.74
N GLY D 26 16.61 -12.75 2.97
CA GLY D 26 15.87 -11.94 2.03
C GLY D 26 14.38 -12.05 2.20
N ILE D 27 13.61 -11.46 1.32
CA ILE D 27 12.20 -11.55 1.51
C ILE D 27 11.64 -12.91 1.18
N ALA D 28 12.46 -13.79 0.65
CA ALA D 28 12.07 -15.17 0.49
C ALA D 28 11.86 -15.85 1.81
N ALA D 29 12.25 -15.22 2.91
CA ALA D 29 12.11 -15.92 4.21
C ALA D 29 10.63 -16.33 4.37
N SER D 30 10.37 -17.56 4.74
CA SER D 30 8.98 -18.04 4.83
C SER D 30 8.23 -17.64 6.07
N THR D 31 6.91 -17.47 5.96
CA THR D 31 6.06 -17.11 7.09
C THR D 31 6.10 -18.19 8.16
N ALA D 32 6.28 -19.43 7.74
CA ALA D 32 6.30 -20.54 8.73
C ALA D 32 7.55 -20.46 9.62
N VAL D 33 8.69 -20.22 8.97
CA VAL D 33 9.95 -20.03 9.70
C VAL D 33 9.85 -18.86 10.66
N ILE D 34 9.29 -17.76 10.15
CA ILE D 34 9.17 -16.56 10.90
C ILE D 34 8.31 -16.77 12.13
N ALA D 35 7.11 -17.34 11.92
CA ALA D 35 6.20 -17.60 13.05
C ALA D 35 6.85 -18.51 14.10
N ARG D 36 7.48 -19.58 13.65
CA ARG D 36 8.12 -20.51 14.55
C ARG D 36 9.11 -19.82 15.50
N ASN D 37 10.08 -19.15 14.90
CA ASN D 37 11.05 -18.32 15.64
C ASN D 37 10.46 -17.25 16.53
N ALA D 38 9.31 -16.73 16.18
CA ALA D 38 8.57 -15.85 17.06
C ALA D 38 7.85 -16.62 18.17
N GLY D 39 7.91 -17.94 18.12
CA GLY D 39 7.19 -18.83 19.08
C GLY D 39 5.67 -18.83 18.98
N VAL D 40 5.18 -18.92 17.75
CA VAL D 40 3.75 -18.93 17.49
C VAL D 40 3.51 -19.79 16.26
N ALA D 41 2.25 -20.22 16.09
CA ALA D 41 1.89 -21.02 14.93
C ALA D 41 1.83 -20.09 13.72
N GLU D 42 2.13 -20.62 12.55
CA GLU D 42 1.96 -19.81 11.33
C GLU D 42 0.65 -19.06 11.27
N GLY D 43 -0.43 -19.64 11.76
CA GLY D 43 -1.73 -18.98 11.56
C GLY D 43 -1.82 -17.73 12.40
N THR D 44 -1.19 -17.76 13.57
CA THR D 44 -1.12 -16.55 14.42
C THR D 44 -0.45 -15.36 13.69
N LEU D 45 0.57 -15.67 12.88
CA LEU D 45 1.25 -14.65 12.08
C LEU D 45 0.25 -13.95 11.19
N PHE D 46 -0.54 -14.75 10.47
CA PHE D 46 -1.59 -14.17 9.60
C PHE D 46 -2.81 -13.63 10.36
N ARG D 47 -2.86 -13.83 11.68
CA ARG D 47 -3.80 -13.13 12.51
C ARG D 47 -3.37 -11.64 12.60
N TYR D 48 -2.06 -11.41 12.73
CA TYR D 48 -1.53 -10.05 12.82
C TYR D 48 -1.33 -9.43 11.46
N PHE D 49 -0.95 -10.25 10.48
CA PHE D 49 -0.64 -9.72 9.15
C PHE D 49 -1.42 -10.49 8.13
N ALA D 50 -2.51 -9.90 7.66
CA ALA D 50 -3.43 -10.60 6.77
C ALA D 50 -2.67 -11.34 5.64
N THR D 51 -1.57 -10.76 5.17
CA THR D 51 -0.81 -11.35 4.07
C THR D 51 0.65 -11.08 4.34
N LYS D 52 1.54 -11.76 3.62
CA LYS D 52 2.97 -11.54 3.73
C LYS D 52 3.31 -10.14 3.27
N ASP D 53 2.68 -9.71 2.21
CA ASP D 53 2.91 -8.37 1.69
C ASP D 53 2.69 -7.34 2.76
N GLU D 54 1.62 -7.51 3.52
CA GLU D 54 1.30 -6.61 4.61
C GLU D 54 2.39 -6.65 5.67
N LEU D 55 2.89 -7.83 5.96
CA LEU D 55 4.02 -7.98 6.89
C LEU D 55 5.28 -7.18 6.38
N ILE D 56 5.62 -7.33 5.12
CA ILE D 56 6.76 -6.61 4.55
C ILE D 56 6.61 -5.10 4.75
N ASN D 57 5.42 -4.57 4.49
CA ASN D 57 5.18 -3.15 4.57
C ASN D 57 5.16 -2.67 6.00
N THR D 58 4.58 -3.47 6.91
CA THR D 58 4.55 -3.09 8.32
C THR D 58 5.92 -3.16 8.96
N LEU D 59 6.71 -4.20 8.63
CA LEU D 59 8.03 -4.32 9.16
C LEU D 59 8.90 -3.14 8.65
N TYR D 60 8.71 -2.76 7.41
CA TYR D 60 9.51 -1.70 6.83
C TYR D 60 9.26 -0.38 7.56
N LEU D 61 7.99 -0.03 7.76
CA LEU D 61 7.65 1.16 8.52
C LEU D 61 8.06 1.03 9.97
N HIS D 62 8.13 -0.19 10.46
CA HIS D 62 8.59 -0.42 11.85
C HIS D 62 10.09 -0.15 11.99
N LEU D 63 10.85 -0.62 11.02
CA LEU D 63 12.31 -0.45 11.08
C LEU D 63 12.70 0.97 10.75
N LYS D 64 11.98 1.57 9.80
CA LYS D 64 12.17 2.98 9.48
C LYS D 64 11.94 3.84 10.73
N GLN D 65 10.82 3.56 11.40
CA GLN D 65 10.49 4.26 12.60
C GLN D 65 11.59 4.07 13.68
N ASP D 66 12.12 2.85 13.81
CA ASP D 66 13.19 2.64 14.78
C ASP D 66 14.44 3.45 14.36
N LEU D 67 14.74 3.45 13.07
CA LEU D 67 15.91 4.28 12.61
C LEU D 67 15.71 5.75 12.93
N CYS D 68 14.58 6.31 12.52
CA CYS D 68 14.30 7.74 12.82
C CYS D 68 14.38 8.06 14.33
N GLN D 69 13.69 7.26 15.15
CA GLN D 69 13.70 7.43 16.59
C GLN D 69 15.10 7.37 17.20
N SER D 70 16.02 6.64 16.57
CA SER D 70 17.40 6.64 17.06
C SER D 70 18.20 7.89 16.77
N MET D 71 17.74 8.69 15.78
CA MET D 71 18.52 9.77 15.18
C MET D 71 18.04 11.06 15.70
N ILE D 72 16.72 11.13 15.90
CA ILE D 72 16.08 12.28 16.52
C ILE D 72 16.78 12.51 17.87
N MET D 73 17.39 11.44 18.41
CA MET D 73 18.15 11.49 19.69
C MET D 73 19.49 12.23 19.52
N GLU D 74 19.62 12.99 18.42
CA GLU D 74 20.94 13.44 18.00
C GLU D 74 20.87 14.67 17.11
N LEU D 75 19.66 15.17 16.90
CA LEU D 75 19.44 16.39 16.13
C LEU D 75 20.02 17.59 16.85
N ASP D 76 20.07 18.73 16.16
CA ASP D 76 20.64 19.98 16.70
C ASP D 76 19.66 21.17 16.50
N ARG D 77 19.62 22.07 17.50
CA ARG D 77 18.69 23.19 17.55
C ARG D 77 19.34 24.50 17.13
N SER D 78 20.47 24.41 16.40
CA SER D 78 21.30 25.59 16.02
C SER D 78 21.91 25.53 14.61
N ILE D 79 22.79 24.55 14.40
CA ILE D 79 23.43 24.33 13.09
C ILE D 79 22.38 24.18 12.02
N THR D 80 22.67 24.75 10.86
CA THR D 80 21.70 24.77 9.81
C THR D 80 22.33 24.49 8.44
N ASP D 81 23.65 24.35 8.37
CA ASP D 81 24.31 24.14 7.07
C ASP D 81 23.94 22.78 6.44
N ALA D 82 23.45 22.79 5.21
CA ALA D 82 22.94 21.60 4.52
C ALA D 82 23.89 20.42 4.60
N LYS D 83 25.17 20.66 4.29
CA LYS D 83 26.15 19.58 4.33
C LYS D 83 26.32 19.05 5.74
N MET D 84 26.33 19.95 6.73
CA MET D 84 26.54 19.55 8.09
C MET D 84 25.30 18.77 8.56
N MET D 85 24.11 19.19 8.16
CA MET D 85 22.91 18.45 8.53
C MET D 85 22.98 17.01 7.99
N THR D 86 23.41 16.89 6.71
CA THR D 86 23.51 15.61 6.02
C THR D 86 24.55 14.71 6.69
N ARG D 87 25.64 15.30 7.10
CA ARG D 87 26.62 14.61 7.87
C ARG D 87 26.11 14.01 9.15
N PHE D 88 25.29 14.71 9.91
CA PHE D 88 24.69 14.15 11.16
C PHE D 88 23.74 13.03 10.80
N ILE D 89 23.06 13.18 9.68
CA ILE D 89 22.10 12.16 9.20
C ILE D 89 22.85 10.90 8.81
N TRP D 90 24.05 11.09 8.24
CA TRP D 90 24.91 9.95 7.85
C TRP D 90 25.44 9.23 9.07
N ASN D 91 25.98 10.00 10.00
CA ASN D 91 26.59 9.47 11.24
C ASN D 91 25.57 8.69 11.99
N SER D 92 24.36 9.19 12.06
CA SER D 92 23.26 8.43 12.78
C SER D 92 22.84 7.16 12.05
N TYR D 93 22.82 7.23 10.74
CA TYR D 93 22.49 6.01 9.95
C TYR D 93 23.59 4.97 10.22
N ILE D 94 24.86 5.40 10.14
CA ILE D 94 25.95 4.43 10.38
C ILE D 94 25.83 3.85 11.87
N SER D 95 25.62 4.74 12.82
CA SER D 95 25.47 4.34 14.21
C SER D 95 24.32 3.29 14.39
N TRP D 96 23.15 3.59 13.86
CA TRP D 96 22.02 2.64 13.98
C TRP D 96 22.37 1.30 13.35
N GLY D 97 23.01 1.35 12.15
CA GLY D 97 23.49 0.14 11.45
C GLY D 97 24.49 -0.71 12.16
N LEU D 98 25.48 -0.07 12.79
CA LEU D 98 26.48 -0.86 13.52
C LEU D 98 25.90 -1.48 14.83
N ASN D 99 25.02 -0.76 15.51
CA ASN D 99 24.35 -1.28 16.72
C ASN D 99 23.28 -2.32 16.38
N HIS D 100 22.68 -2.21 15.20
CA HIS D 100 21.65 -3.23 14.73
C HIS D 100 21.90 -3.78 13.35
N PRO D 101 22.92 -4.64 13.19
CA PRO D 101 23.22 -5.26 11.87
C PRO D 101 22.01 -5.87 11.14
N ALA D 102 21.18 -6.62 11.87
CA ALA D 102 20.03 -7.29 11.28
C ALA D 102 18.96 -6.29 10.78
N ARG D 103 18.72 -5.23 11.55
CA ARG D 103 17.75 -4.26 11.08
C ARG D 103 18.19 -3.56 9.82
N HIS D 104 19.46 -3.17 9.73
CA HIS D 104 19.94 -2.48 8.53
C HIS D 104 19.84 -3.45 7.32
N ARG D 105 20.20 -4.70 7.53
CA ARG D 105 20.11 -5.73 6.48
C ARG D 105 18.70 -6.00 6.02
N ALA D 106 17.78 -6.11 7.00
CA ALA D 106 16.35 -6.31 6.69
C ALA D 106 15.82 -5.18 5.93
N ILE D 107 16.04 -3.97 6.45
CA ILE D 107 15.44 -2.81 5.79
C ILE D 107 16.04 -2.55 4.35
N ARG D 108 17.31 -2.87 4.16
CA ARG D 108 17.87 -2.81 2.81
C ARG D 108 17.15 -3.76 1.86
N GLN D 109 17.00 -4.99 2.32
CA GLN D 109 16.30 -5.97 1.61
C GLN D 109 14.82 -5.53 1.26
N LEU D 110 14.09 -4.99 2.24
CA LEU D 110 12.70 -4.62 2.07
C LEU D 110 12.50 -3.49 1.04
N ALA D 111 13.42 -2.53 1.04
CA ALA D 111 13.37 -1.40 0.15
C ALA D 111 13.32 -1.83 -1.33
N VAL D 112 13.94 -2.96 -1.66
CA VAL D 112 14.10 -3.41 -3.02
C VAL D 112 13.02 -4.41 -3.40
N SER D 113 12.32 -4.96 -2.39
CA SER D 113 11.36 -6.06 -2.57
C SER D 113 10.36 -5.78 -3.68
N GLU D 114 10.12 -4.49 -3.95
CA GLU D 114 9.05 -4.04 -4.86
C GLU D 114 7.70 -4.58 -4.39
N LYS D 115 7.53 -4.66 -3.08
CA LYS D 115 6.27 -5.09 -2.48
C LYS D 115 5.68 -3.94 -1.73
N LEU D 116 6.52 -2.96 -1.46
CA LEU D 116 6.14 -1.78 -0.74
C LEU D 116 5.10 -1.02 -1.55
N THR D 117 4.09 -0.49 -0.88
CA THR D 117 3.02 0.19 -1.59
C THR D 117 3.34 1.69 -1.60
N LYS D 118 2.63 2.45 -2.44
CA LYS D 118 2.87 3.91 -2.49
C LYS D 118 2.42 4.57 -1.19
N GLU D 119 1.47 3.95 -0.48
CA GLU D 119 1.06 4.44 0.81
C GLU D 119 2.20 4.28 1.86
N THR D 120 2.86 3.13 1.87
CA THR D 120 3.98 2.89 2.76
C THR D 120 5.09 3.95 2.57
N GLU D 121 5.48 4.17 1.32
CA GLU D 121 6.54 5.12 0.98
C GLU D 121 6.19 6.52 1.46
N GLN D 122 4.97 6.97 1.14
CA GLN D 122 4.45 8.25 1.62
C GLN D 122 4.54 8.38 3.14
N ARG D 123 4.19 7.32 3.86
CA ARG D 123 4.31 7.32 5.33
C ARG D 123 5.76 7.38 5.77
N ALA D 124 6.61 6.64 5.06
CA ALA D 124 8.05 6.71 5.30
C ALA D 124 8.54 8.17 5.20
N ASP D 125 8.22 8.87 4.11
CA ASP D 125 8.69 10.29 3.91
C ASP D 125 8.18 11.26 4.96
N ASP D 126 6.88 11.16 5.21
CA ASP D 126 6.21 12.01 6.18
C ASP D 126 6.60 11.67 7.60
N MET D 127 7.34 10.59 7.76
CA MET D 127 7.82 10.18 9.10
C MET D 127 9.00 11.04 9.59
N PHE D 128 9.71 11.72 8.69
CA PHE D 128 10.80 12.61 9.11
C PHE D 128 10.83 13.80 8.16
N PRO D 129 9.81 14.72 8.31
CA PRO D 129 9.68 15.86 7.38
C PRO D 129 10.97 16.73 7.26
N GLU D 130 11.77 16.81 8.31
CA GLU D 130 13.02 17.57 8.25
C GLU D 130 13.99 16.95 7.26
N LEU D 131 14.12 15.62 7.31
CA LEU D 131 14.97 14.94 6.36
C LEU D 131 14.43 15.13 4.96
N ARG D 132 13.15 14.82 4.75
CA ARG D 132 12.55 15.00 3.43
C ARG D 132 12.89 16.37 2.86
N ASP D 133 12.79 17.42 3.67
CA ASP D 133 13.04 18.74 3.13
C ASP D 133 14.52 18.92 2.75
N LEU D 134 15.39 18.40 3.60
CA LEU D 134 16.80 18.49 3.36
C LEU D 134 17.16 17.87 1.98
N CYS D 135 16.63 16.68 1.70
CA CYS D 135 16.94 15.98 0.47
C CYS D 135 16.43 16.78 -0.69
N HIS D 136 15.17 17.22 -0.60
CA HIS D 136 14.52 18.01 -1.67
C HIS D 136 15.39 19.18 -2.11
N ARG D 137 16.21 19.67 -1.19
CA ARG D 137 17.05 20.81 -1.51
C ARG D 137 18.54 20.53 -1.68
N SER D 138 19.00 19.30 -1.39
CA SER D 138 20.44 18.97 -1.56
C SER D 138 20.74 17.93 -2.69
N VAL D 139 19.93 16.90 -2.76
CA VAL D 139 20.14 15.75 -3.63
C VAL D 139 19.91 16.14 -5.13
N LEU D 140 20.69 15.52 -6.00
CA LEU D 140 20.45 15.61 -7.44
C LEU D 140 19.00 15.24 -7.79
N MET D 141 18.38 16.07 -8.59
CA MET D 141 16.97 15.94 -8.94
C MET D 141 16.63 14.60 -9.59
N VAL D 142 17.57 14.04 -10.36
CA VAL D 142 17.33 12.72 -10.92
C VAL D 142 17.07 11.68 -9.86
N PHE D 143 17.75 11.77 -8.72
CA PHE D 143 17.61 10.73 -7.68
C PHE D 143 16.39 11.08 -6.82
N MET D 144 15.64 12.08 -7.23
CA MET D 144 14.44 12.40 -6.52
C MET D 144 13.20 11.98 -7.32
N SER D 145 13.40 11.72 -8.61
CA SER D 145 12.31 11.31 -9.49
C SER D 145 11.76 9.97 -9.02
N ASP D 146 10.48 9.72 -9.28
CA ASP D 146 9.90 8.44 -8.87
C ASP D 146 10.57 7.32 -9.63
N GLU D 147 11.20 7.66 -10.74
CA GLU D 147 11.90 6.70 -11.56
C GLU D 147 13.23 6.21 -10.91
N TYR D 148 14.00 7.12 -10.34
CA TYR D 148 15.34 6.80 -9.84
C TYR D 148 15.55 6.96 -8.31
N ARG D 149 14.50 7.28 -7.60
CA ARG D 149 14.60 7.50 -6.16
C ARG D 149 15.11 6.26 -5.45
N ALA D 150 14.60 5.09 -5.80
CA ALA D 150 14.97 3.85 -5.16
C ALA D 150 16.48 3.55 -5.42
N PHE D 151 16.95 3.92 -6.61
CA PHE D 151 18.32 3.65 -7.01
C PHE D 151 19.21 4.59 -6.17
N GLY D 152 18.77 5.85 -6.02
CA GLY D 152 19.52 6.86 -5.26
C GLY D 152 19.64 6.44 -3.78
N ASP D 153 18.55 5.88 -3.23
CA ASP D 153 18.59 5.31 -1.89
C ASP D 153 19.50 4.08 -1.85
N GLY D 154 19.42 3.21 -2.89
CA GLY D 154 20.24 1.99 -2.95
C GLY D 154 21.73 2.37 -2.91
N LEU D 155 22.08 3.42 -3.66
CA LEU D 155 23.52 3.88 -3.77
C LEU D 155 23.95 4.36 -2.39
N PHE D 156 23.07 5.11 -1.74
CA PHE D 156 23.33 5.59 -0.41
C PHE D 156 23.59 4.47 0.57
N LEU D 157 22.69 3.49 0.57
CA LEU D 157 22.73 2.38 1.49
C LEU D 157 23.92 1.45 1.23
N ALA D 158 24.32 1.28 -0.04
CA ALA D 158 25.50 0.50 -0.36
C ALA D 158 26.77 1.18 0.21
N LEU D 159 26.84 2.50 0.06
CA LEU D 159 27.98 3.26 0.58
C LEU D 159 28.02 3.21 2.08
N ALA D 160 26.85 3.38 2.70
CA ALA D 160 26.71 3.26 4.21
C ALA D 160 27.11 1.88 4.68
N GLU D 161 26.64 0.84 4.00
CA GLU D 161 26.94 -0.55 4.37
C GLU D 161 28.43 -0.83 4.31
N THR D 162 29.07 -0.42 3.22
CA THR D 162 30.48 -0.61 3.11
C THR D 162 31.20 0.14 4.23
N THR D 163 30.78 1.35 4.48
CA THR D 163 31.37 2.18 5.56
C THR D 163 31.25 1.44 6.85
N MET D 164 30.06 0.91 7.12
CA MET D 164 29.77 0.10 8.32
C MET D 164 30.64 -1.11 8.46
N ASP D 165 30.88 -1.84 7.37
CA ASP D 165 31.69 -3.06 7.45
C ASP D 165 33.14 -2.75 7.76
N PHE D 166 33.70 -1.73 7.11
CA PHE D 166 35.10 -1.36 7.37
C PHE D 166 35.28 -0.84 8.79
N ALA D 167 34.39 0.06 9.18
CA ALA D 167 34.40 0.65 10.54
C ALA D 167 34.31 -0.45 11.60
N ALA D 168 33.42 -1.44 11.38
CA ALA D 168 33.23 -2.49 12.39
C ALA D 168 34.46 -3.40 12.55
N ARG D 169 35.22 -3.61 11.47
CA ARG D 169 36.37 -4.50 11.55
C ARG D 169 37.68 -3.77 11.82
N ASP D 170 37.64 -2.45 11.80
CA ASP D 170 38.80 -1.62 12.12
C ASP D 170 38.45 -0.38 12.97
N PRO D 171 37.92 -0.59 14.19
CA PRO D 171 37.46 0.45 15.08
C PRO D 171 38.37 1.64 15.33
N ALA D 172 39.68 1.38 15.31
CA ALA D 172 40.66 2.47 15.47
C ALA D 172 40.51 3.53 14.40
N ARG D 173 40.24 3.11 13.16
CA ARG D 173 40.02 4.00 12.02
C ARG D 173 38.52 4.18 11.64
N ALA D 174 37.58 3.72 12.48
CA ALA D 174 36.14 3.87 12.17
C ALA D 174 35.74 5.31 11.81
N GLY D 175 36.23 6.29 12.56
CA GLY D 175 35.94 7.70 12.27
C GLY D 175 36.43 8.19 10.90
N GLU D 176 37.57 7.69 10.43
CA GLU D 176 38.07 8.12 9.14
C GLU D 176 37.23 7.48 8.02
N TYR D 177 36.88 6.19 8.17
CA TYR D 177 36.01 5.49 7.20
C TYR D 177 34.69 6.24 7.07
N ILE D 178 34.14 6.65 8.19
CA ILE D 178 32.85 7.29 8.23
C ILE D 178 32.90 8.63 7.53
N ALA D 179 33.96 9.35 7.76
CA ALA D 179 34.21 10.63 7.11
C ALA D 179 34.51 10.46 5.63
N LEU D 180 35.33 9.51 5.27
CA LEU D 180 35.55 9.23 3.83
C LEU D 180 34.26 8.79 3.14
N GLY D 181 33.57 7.87 3.78
CA GLY D 181 32.30 7.41 3.22
C GLY D 181 31.33 8.55 3.01
N PHE D 182 31.22 9.45 4.01
CA PHE D 182 30.31 10.52 3.89
C PHE D 182 30.60 11.39 2.65
N GLU D 183 31.87 11.81 2.49
CA GLU D 183 32.25 12.71 1.39
C GLU D 183 32.00 12.05 0.07
N ALA D 184 32.29 10.75 -0.05
CA ALA D 184 32.03 10.06 -1.34
C ALA D 184 30.50 10.03 -1.65
N MET D 185 29.71 9.73 -0.64
CA MET D 185 28.23 9.73 -0.80
C MET D 185 27.80 11.13 -1.20
N TRP D 186 28.38 12.12 -0.55
CA TRP D 186 27.98 13.50 -0.80
C TRP D 186 28.34 13.91 -2.24
N ARG D 187 29.53 13.58 -2.71
CA ARG D 187 29.87 13.84 -4.09
C ARG D 187 28.99 13.06 -5.09
N ALA D 188 28.64 11.84 -4.73
CA ALA D 188 27.82 10.95 -5.62
C ALA D 188 26.41 11.42 -5.84
N LEU D 189 25.72 11.86 -4.77
CA LEU D 189 24.28 12.07 -4.86
C LEU D 189 23.74 13.52 -4.68
N THR D 190 24.59 14.50 -4.33
CA THR D 190 24.10 15.85 -4.13
C THR D 190 24.60 16.80 -5.22
N ARG D 191 23.92 17.94 -5.32
CA ARG D 191 24.33 19.03 -6.24
C ARG D 191 25.56 19.81 -5.73
S SO4 E . -24.22 8.13 -16.44
O1 SO4 E . -25.20 7.55 -15.55
O2 SO4 E . -24.23 7.37 -17.67
O3 SO4 E . -24.64 9.48 -16.85
O4 SO4 E . -22.98 8.22 -15.82
CL CL F . -19.88 27.34 -14.53
C1 CVI G . -20.10 -1.98 13.50
C2 CVI G . -19.31 -1.14 12.60
C3 CVI G . -18.38 -1.74 11.78
C4 CVI G . -17.58 -0.91 10.94
C5 CVI G . -17.80 0.48 10.96
C6 CVI G . -18.79 1.05 11.79
C7 CVI G . -19.53 0.21 12.62
C8 CVI G . -20.53 -1.40 14.82
C9 CVI G . -21.87 -1.42 15.20
C10 CVI G . -22.25 -0.84 16.46
C11 CVI G . -21.31 -0.25 17.29
C12 CVI G . -19.98 -0.21 16.90
C13 CVI G . -19.56 -0.77 15.66
C14 CVI G . -20.53 -3.31 13.04
C15 CVI G . -20.55 -3.66 11.68
C16 CVI G . -21.00 -4.95 11.36
C17 CVI G . -21.38 -5.88 12.35
C18 CVI G . -21.34 -5.49 13.68
C19 CVI G . -20.92 -4.22 14.01
C20 CVI G . -16.27 0.76 9.01
C21 CVI G . -16.93 2.76 10.35
C22 CVI G . -23.05 0.54 18.82
C23 CVI G . -20.54 0.72 19.31
C24 CVI G . -21.76 -7.60 10.61
C25 CVI G . -22.64 -8.07 12.89
N1 CVI G . -17.02 1.32 10.15
N2 CVI G . -21.66 0.32 18.49
N3 CVI G . -21.88 -7.17 12.00
S SO4 H . -23.80 15.82 14.35
O1 SO4 H . -24.36 15.84 15.70
O2 SO4 H . -24.88 16.23 13.45
O3 SO4 H . -22.64 16.71 14.28
O4 SO4 H . -23.30 14.52 13.92
S SO4 I . 27.72 -17.47 -12.90
O1 SO4 I . 26.58 -17.09 -12.12
O2 SO4 I . 27.37 -17.54 -14.32
O3 SO4 I . 28.81 -16.56 -12.65
O4 SO4 I . 28.14 -18.80 -12.50
C1 CVI J . 17.82 7.90 4.57
C2 CVI J . 18.44 8.87 3.68
C3 CVI J . 18.83 8.48 2.42
C4 CVI J . 19.45 9.39 1.56
C5 CVI J . 19.67 10.73 2.02
C6 CVI J . 19.27 11.13 3.30
C7 CVI J . 18.65 10.18 4.12
C8 CVI J . 17.80 8.16 6.03
C9 CVI J . 16.59 8.17 6.71
C10 CVI J . 16.60 8.51 8.07
C11 CVI J . 17.78 8.76 8.79
C12 CVI J . 19.00 8.66 8.12
C13 CVI J . 19.04 8.36 6.70
C14 CVI J . 17.19 6.68 4.08
C15 CVI J . 16.44 6.67 2.86
C16 CVI J . 15.76 5.46 2.48
C17 CVI J . 15.89 4.32 3.33
C18 CVI J . 16.61 4.38 4.55
C19 CVI J . 17.28 5.57 4.93
C20 CVI J . 20.54 11.08 -0.26
C21 CVI J . 20.95 12.89 1.56
C22 CVI J . 16.47 9.29 10.89
C23 CVI J . 19.04 8.96 10.80
C24 CVI J . 14.51 3.00 1.71
C25 CVI J . 15.18 1.99 3.89
N1 CVI J . 20.36 11.60 1.12
N2 CVI J . 17.72 9.01 10.17
N3 CVI J . 15.22 3.13 2.98
S SO4 K . 19.97 -6.50 15.55
O1 SO4 K . 18.86 -7.41 15.93
O2 SO4 K . 21.11 -7.22 15.03
O3 SO4 K . 19.55 -5.63 14.45
O4 SO4 K . 20.31 -5.61 16.71
#